data_5NGF
#
_entry.id   5NGF
#
_cell.length_a   62.810
_cell.length_b   63.310
_cell.length_c   65.660
_cell.angle_alpha   105.05
_cell.angle_beta   107.88
_cell.angle_gamma   113.03
#
_symmetry.space_group_name_H-M   'P 1'
#
loop_
_entity.id
_entity.type
_entity.pdbx_description
1 polymer 'Ubiquitin carboxyl-terminal hydrolase 7'
2 non-polymer ~{N}-[2-[4-[4-[(1-methyl-4-oxidanylidene-pyrazolo[3,4-d]pyrimidin-5-yl)methyl]-4-oxidanyl-piperidin-1-yl]carbonylphenyl]phenyl]ethanesulfonamide
3 non-polymer 1,2-ETHANEDIOL
4 water water
#
_entity_poly.entity_id   1
_entity_poly.type   'polypeptide(L)'
_entity_poly.pdbx_seq_one_letter_code
;GSKKHTGYVGLKNQGATCYMNSLLQTLFFTNQLRKAVYMMPTEGDDSSKSVPLALQRVFYELQHSDKPVGTKKLTKSFGW
ETLDSFMQHDVQELCRVLLDNVENKMKGTCVEGTIPKLFRGKMVSYIQCKEVDYRSDRREDYYDIQLSIKGKKNIFESFV
DYVAVEQLDGDNKYDAGEHGLQEAEKGVKFLTLPPVLHLQLMRFMYDPQTDQNIKINDRFEFPEQLPLDEFLQKTDPKDP
ANYILHAVLVHSGDNHGGHYVVYLNPKGDGKWCKFDDDVVSRCTKEEAIEHNYGGHDDDLSVRHCTNAYMLVYIRESKLS
EVLQAVTDHDIPQQLVERLQEEKRIEAQKRKERQE
;
_entity_poly.pdbx_strand_id   A,B
#
loop_
_chem_comp.id
_chem_comp.type
_chem_comp.name
_chem_comp.formula
8WN non-polymer ~{N}-[2-[4-[4-[(1-methyl-4-oxidanylidene-pyrazolo[3,4-d]pyrimidin-5-yl)methyl]-4-oxidanyl-piperidin-1-yl]carbonylphenyl]phenyl]ethanesulfonamide 'C27 H30 N6 O5 S'
EDO non-polymer 1,2-ETHANEDIOL 'C2 H6 O2'
#
# COMPACT_ATOMS: atom_id res chain seq x y z
N LYS A 4 13.26 -9.37 23.98
CA LYS A 4 12.52 -9.58 22.69
C LYS A 4 13.13 -10.69 21.80
N HIS A 5 12.42 -11.82 21.78
CA HIS A 5 12.47 -12.71 20.62
C HIS A 5 11.30 -12.40 19.68
N THR A 6 10.71 -11.20 19.84
CA THR A 6 9.60 -10.76 19.03
C THR A 6 9.95 -9.78 17.89
N GLY A 7 11.02 -8.99 18.07
CA GLY A 7 11.32 -7.84 17.19
C GLY A 7 10.68 -6.51 17.58
N TYR A 8 9.83 -6.52 18.61
CA TYR A 8 9.04 -5.34 18.92
C TYR A 8 9.40 -4.84 20.29
N VAL A 9 9.23 -3.54 20.51
CA VAL A 9 9.59 -2.96 21.78
C VAL A 9 8.35 -2.50 22.57
N GLY A 10 8.43 -2.64 23.90
CA GLY A 10 7.34 -2.30 24.84
C GLY A 10 7.34 -0.84 25.22
N LEU A 11 6.29 -0.42 25.92
CA LEU A 11 6.18 0.97 26.45
C LEU A 11 6.28 0.91 27.96
N LYS A 12 6.96 1.89 28.55
CA LYS A 12 7.15 1.91 29.99
C LYS A 12 5.82 2.10 30.77
N ASN A 13 5.72 1.47 31.93
CA ASN A 13 4.68 1.85 32.88
C ASN A 13 5.21 3.04 33.65
N GLN A 14 4.80 4.26 33.30
CA GLN A 14 5.22 5.47 34.07
C GLN A 14 4.15 6.13 34.92
N GLY A 15 3.04 5.47 35.18
CA GLY A 15 1.96 6.16 35.82
C GLY A 15 0.60 5.61 35.46
N ALA A 16 -0.40 6.01 36.23
CA ALA A 16 -1.71 5.42 36.13
C ALA A 16 -2.41 5.86 34.84
N THR A 17 -1.95 5.31 33.71
CA THR A 17 -2.49 5.68 32.44
C THR A 17 -3.38 4.58 31.83
N CYS A 18 -3.69 3.57 32.62
CA CYS A 18 -4.75 2.60 32.35
C CYS A 18 -4.61 2.00 31.00
N TYR A 19 -5.47 2.36 30.08
CA TYR A 19 -5.55 1.75 28.74
C TYR A 19 -4.65 2.46 27.76
N MET A 20 -3.97 3.54 28.15
CA MET A 20 -3.23 4.33 27.14
C MET A 20 -2.20 3.50 26.36
N ASN A 21 -1.41 2.67 27.05
CA ASN A 21 -0.32 1.96 26.41
C ASN A 21 -0.78 0.93 25.39
N SER A 22 -1.82 0.20 25.75
CA SER A 22 -2.52 -0.71 24.87
C SER A 22 -3.08 -0.01 23.62
N LEU A 23 -3.66 1.17 23.81
CA LEU A 23 -4.16 1.94 22.71
C LEU A 23 -3.05 2.46 21.82
N LEU A 24 -1.95 2.92 22.42
CA LEU A 24 -0.81 3.42 21.61
C LEU A 24 -0.12 2.35 20.76
N GLN A 25 0.00 1.14 21.27
CA GLN A 25 0.53 0.06 20.44
C GLN A 25 -0.39 -0.27 19.28
N THR A 26 -1.70 -0.30 19.58
CA THR A 26 -2.72 -0.58 18.55
C THR A 26 -2.60 0.42 17.41
N LEU A 27 -2.53 1.71 17.75
CA LEU A 27 -2.27 2.77 16.78
C LEU A 27 -0.91 2.67 16.06
N PHE A 28 0.14 2.31 16.80
CA PHE A 28 1.46 2.16 16.19
C PHE A 28 1.47 1.12 15.12
N PHE A 29 0.80 -0.02 15.37
CA PHE A 29 0.68 -1.09 14.39
C PHE A 29 -0.42 -0.93 13.32
N THR A 30 -1.04 0.25 13.28
CA THR A 30 -1.84 0.69 12.15
C THR A 30 -0.91 1.44 11.20
N ASN A 31 -0.17 0.67 10.45
CA ASN A 31 0.97 1.19 9.70
C ASN A 31 0.69 2.37 8.77
N GLN A 32 -0.43 2.33 8.08
CA GLN A 32 -0.79 3.44 7.19
C GLN A 32 -0.98 4.74 7.99
N LEU A 33 -1.59 4.64 9.16
CA LEU A 33 -1.65 5.77 10.09
C LEU A 33 -0.24 6.18 10.57
N ARG A 34 0.62 5.23 10.86
CA ARG A 34 1.97 5.57 11.33
C ARG A 34 2.73 6.40 10.31
N LYS A 35 2.78 5.90 9.08
CA LYS A 35 3.39 6.62 7.98
C LYS A 35 2.88 8.05 7.83
N ALA A 36 1.57 8.23 7.92
CA ALA A 36 0.99 9.55 7.70
C ALA A 36 1.37 10.50 8.85
N VAL A 37 1.33 9.98 10.07
CA VAL A 37 1.82 10.71 11.21
C VAL A 37 3.26 11.17 10.99
N TYR A 38 4.12 10.29 10.46
CA TYR A 38 5.51 10.69 10.24
C TYR A 38 5.63 11.87 9.28
N MET A 39 4.69 12.02 8.35
CA MET A 39 4.70 13.15 7.38
C MET A 39 4.14 14.50 7.85
N MET A 40 3.61 14.62 9.05
CA MET A 40 3.05 15.90 9.44
C MET A 40 4.14 16.94 9.62
N PRO A 41 3.91 18.17 9.10
CA PRO A 41 4.84 19.30 9.20
C PRO A 41 4.89 19.90 10.62
N THR A 42 5.58 19.20 11.52
CA THR A 42 5.74 19.65 12.89
C THR A 42 7.01 20.52 13.14
N GLU A 43 7.63 21.03 12.08
CA GLU A 43 8.93 21.73 12.21
C GLU A 43 8.82 23.01 13.05
N GLY A 44 7.77 23.79 12.86
CA GLY A 44 7.53 24.98 13.68
C GLY A 44 6.92 24.71 15.08
N ASP A 45 6.35 23.53 15.30
CA ASP A 45 5.64 23.25 16.56
C ASP A 45 6.50 23.48 17.78
N ASP A 46 5.83 23.82 18.87
CA ASP A 46 6.47 23.93 20.17
C ASP A 46 6.63 22.52 20.79
N SER A 47 7.81 22.31 21.32
CA SER A 47 8.35 20.99 21.58
C SER A 47 7.71 20.31 22.78
N SER A 48 6.75 20.96 23.44
CA SER A 48 6.07 20.36 24.59
C SER A 48 4.57 20.47 24.55
N LYS A 49 4.05 21.50 23.88
CA LYS A 49 2.59 21.70 23.76
C LYS A 49 1.98 21.02 22.50
N SER A 50 2.81 20.43 21.66
CA SER A 50 2.34 19.78 20.43
C SER A 50 2.05 18.29 20.63
N VAL A 51 0.77 17.92 20.51
CA VAL A 51 0.37 16.51 20.50
C VAL A 51 0.85 15.81 19.23
N PRO A 52 0.67 16.42 18.05
CA PRO A 52 1.20 15.74 16.84
C PRO A 52 2.72 15.42 16.96
N LEU A 53 3.53 16.40 17.35
CA LEU A 53 4.97 16.15 17.58
C LEU A 53 5.20 15.03 18.61
N ALA A 54 4.44 15.04 19.69
CA ALA A 54 4.64 14.04 20.73
C ALA A 54 4.23 12.63 20.26
N LEU A 55 3.24 12.54 19.39
CA LEU A 55 2.91 11.25 18.78
C LEU A 55 4.02 10.78 17.83
N GLN A 56 4.54 11.71 17.03
CA GLN A 56 5.67 11.39 16.15
C GLN A 56 6.84 10.82 16.98
N ARG A 57 7.10 11.45 18.11
CA ARG A 57 8.18 11.03 19.00
C ARG A 57 8.01 9.58 19.51
N VAL A 58 6.84 9.24 20.01
CA VAL A 58 6.60 7.89 20.52
C VAL A 58 6.71 6.82 19.45
N PHE A 59 6.15 7.09 18.28
CA PHE A 59 6.21 6.12 17.18
C PHE A 59 7.66 5.89 16.71
N TYR A 60 8.42 6.97 16.52
CA TYR A 60 9.83 6.83 16.20
C TYR A 60 10.55 5.88 17.15
N GLU A 61 10.34 6.10 18.44
CA GLU A 61 10.99 5.31 19.49
C GLU A 61 10.46 3.90 19.49
N LEU A 62 9.17 3.71 19.34
CA LEU A 62 8.72 2.35 19.20
C LEU A 62 9.31 1.63 17.98
N GLN A 63 9.69 2.39 16.97
CA GLN A 63 10.20 1.77 15.77
C GLN A 63 11.69 1.54 15.81
N HIS A 64 12.45 2.40 16.49
CA HIS A 64 13.94 2.31 16.51
C HIS A 64 14.61 1.84 17.79
N SER A 65 13.96 2.04 18.92
CA SER A 65 14.59 1.78 20.21
C SER A 65 14.66 0.27 20.51
N ASP A 66 15.73 -0.11 21.20
CA ASP A 66 15.93 -1.44 21.80
C ASP A 66 15.52 -1.45 23.28
N LYS A 67 15.08 -0.30 23.82
CA LYS A 67 14.65 -0.19 25.25
C LYS A 67 13.17 0.28 25.35
N PRO A 68 12.48 -0.01 26.48
CA PRO A 68 11.10 0.44 26.61
C PRO A 68 11.00 1.95 26.44
N VAL A 69 9.90 2.40 25.84
CA VAL A 69 9.75 3.79 25.42
C VAL A 69 8.85 4.56 26.38
N GLY A 70 9.24 5.81 26.66
CA GLY A 70 8.53 6.69 27.59
C GLY A 70 7.36 7.43 26.95
N THR A 71 6.39 7.88 27.75
CA THR A 71 5.18 8.55 27.23
C THR A 71 4.82 9.87 27.91
N LYS A 72 5.69 10.39 28.78
CA LYS A 72 5.36 11.53 29.65
C LYS A 72 5.18 12.87 28.92
N LYS A 73 6.00 13.11 27.91
CA LYS A 73 5.78 14.27 27.05
C LYS A 73 4.42 14.16 26.32
N LEU A 74 3.97 12.95 26.03
CA LEU A 74 2.75 12.76 25.26
C LEU A 74 1.57 13.18 26.13
N THR A 75 1.55 12.67 27.34
CA THR A 75 0.45 12.94 28.24
C THR A 75 0.41 14.42 28.64
N LYS A 76 1.56 15.00 28.87
CA LYS A 76 1.63 16.41 29.16
C LYS A 76 1.02 17.19 27.98
N SER A 77 1.33 16.79 26.74
CA SER A 77 0.93 17.56 25.59
C SER A 77 -0.59 17.66 25.44
N PHE A 78 -1.33 16.61 25.78
CA PHE A 78 -2.82 16.74 25.75
C PHE A 78 -3.49 17.01 27.11
N GLY A 79 -2.70 17.19 28.17
CA GLY A 79 -3.21 17.67 29.44
C GLY A 79 -3.96 16.67 30.30
N TRP A 80 -3.74 15.37 30.14
CA TRP A 80 -4.30 14.41 31.06
C TRP A 80 -3.24 14.07 32.05
N GLU A 81 -2.95 14.96 32.97
CA GLU A 81 -1.82 14.79 33.89
C GLU A 81 -2.21 14.47 35.33
N THR A 82 -3.47 14.14 35.53
CA THR A 82 -3.99 13.93 36.85
C THR A 82 -4.41 12.49 37.06
N LEU A 83 -4.45 12.09 38.32
CA LEU A 83 -4.72 10.71 38.62
C LEU A 83 -5.99 10.31 37.99
N ASP A 84 -6.92 11.24 37.83
CA ASP A 84 -8.21 10.77 37.49
C ASP A 84 -8.69 11.15 36.11
N SER A 85 -7.88 11.79 35.28
CA SER A 85 -8.29 12.01 33.91
C SER A 85 -8.42 10.70 33.14
N PHE A 86 -7.55 9.73 33.39
CA PHE A 86 -7.70 8.42 32.78
C PHE A 86 -8.86 7.59 33.31
N MET A 87 -9.10 7.64 34.60
CA MET A 87 -10.20 6.90 35.17
C MET A 87 -11.61 7.49 34.86
N GLN A 88 -11.70 8.73 34.40
CA GLN A 88 -12.99 9.38 34.10
C GLN A 88 -13.32 9.46 32.60
N HIS A 89 -12.48 8.85 31.77
CA HIS A 89 -12.70 8.83 30.32
C HIS A 89 -12.77 7.42 29.81
N ASP A 90 -13.35 7.26 28.64
CA ASP A 90 -13.43 5.95 27.98
C ASP A 90 -12.23 5.89 27.06
N VAL A 91 -11.92 4.68 26.61
CA VAL A 91 -10.78 4.47 25.71
C VAL A 91 -10.99 5.16 24.36
N GLN A 92 -12.22 5.15 23.84
CA GLN A 92 -12.54 5.84 22.58
C GLN A 92 -12.45 7.36 22.69
N GLU A 93 -12.66 7.90 23.87
CA GLU A 93 -12.45 9.35 24.10
C GLU A 93 -11.01 9.75 24.01
N LEU A 94 -10.11 8.88 24.44
CA LEU A 94 -8.65 9.14 24.29
C LEU A 94 -8.23 9.05 22.81
N CYS A 95 -8.71 8.03 22.13
CA CYS A 95 -8.45 7.83 20.75
C CYS A 95 -8.88 9.07 19.99
N ARG A 96 -10.09 9.55 20.22
CA ARG A 96 -10.52 10.77 19.56
C ARG A 96 -9.65 11.95 19.86
N VAL A 97 -9.22 12.13 21.10
CA VAL A 97 -8.35 13.22 21.41
C VAL A 97 -7.07 13.16 20.59
N LEU A 98 -6.50 11.96 20.50
CA LEU A 98 -5.34 11.72 19.68
C LEU A 98 -5.58 11.92 18.17
N LEU A 99 -6.57 11.25 17.61
CA LEU A 99 -6.77 11.28 16.14
C LEU A 99 -7.29 12.61 15.59
N ASP A 100 -8.01 13.35 16.41
CA ASP A 100 -8.42 14.70 16.07
C ASP A 100 -7.25 15.69 15.99
N ASN A 101 -6.28 15.64 16.90
CA ASN A 101 -5.13 16.56 16.80
C ASN A 101 -4.42 16.36 15.48
N VAL A 102 -4.09 15.09 15.25
CA VAL A 102 -3.40 14.55 14.07
C VAL A 102 -4.14 14.86 12.78
N GLU A 103 -5.45 14.56 12.73
CA GLU A 103 -6.28 14.86 11.57
C GLU A 103 -6.23 16.33 11.25
N ASN A 104 -6.24 17.14 12.30
CA ASN A 104 -6.18 18.58 12.12
C ASN A 104 -4.86 19.08 11.67
N LYS A 105 -3.80 18.47 12.16
CA LYS A 105 -2.48 18.83 11.66
C LYS A 105 -2.34 18.45 10.16
N MET A 106 -3.10 17.47 9.70
CA MET A 106 -2.90 16.97 8.35
C MET A 106 -3.63 17.81 7.31
N LYS A 107 -4.47 18.71 7.77
CA LYS A 107 -5.19 19.59 6.87
C LYS A 107 -4.22 20.45 6.08
N GLY A 108 -4.33 20.38 4.75
CA GLY A 108 -3.53 21.21 3.84
C GLY A 108 -2.24 20.56 3.34
N THR A 109 -2.00 19.32 3.76
CA THR A 109 -0.83 18.54 3.38
C THR A 109 -1.21 17.38 2.47
N CYS A 110 -0.24 16.61 2.04
CA CYS A 110 -0.44 15.49 1.14
C CYS A 110 -1.10 14.27 1.82
N VAL A 111 -1.19 14.27 3.13
CA VAL A 111 -1.92 13.22 3.84
C VAL A 111 -3.26 13.71 4.42
N GLU A 112 -3.72 14.89 4.01
CA GLU A 112 -5.09 15.30 4.37
C GLU A 112 -6.07 14.14 4.10
N GLY A 113 -6.86 13.79 5.11
CA GLY A 113 -7.95 12.84 4.98
C GLY A 113 -7.62 11.43 5.42
N THR A 114 -6.38 11.19 5.81
CA THR A 114 -5.99 9.84 6.21
C THR A 114 -6.81 9.24 7.33
N ILE A 115 -7.15 10.05 8.33
CA ILE A 115 -7.81 9.52 9.52
C ILE A 115 -9.26 9.16 9.19
N PRO A 116 -10.02 10.08 8.57
CA PRO A 116 -11.36 9.65 8.20
C PRO A 116 -11.37 8.53 7.19
N LYS A 117 -10.46 8.54 6.25
CA LYS A 117 -10.28 7.39 5.33
C LYS A 117 -10.09 6.08 6.07
N LEU A 118 -9.31 6.07 7.14
CA LEU A 118 -9.08 4.81 7.84
C LEU A 118 -10.17 4.40 8.84
N PHE A 119 -10.80 5.36 9.51
CA PHE A 119 -11.64 5.05 10.66
C PHE A 119 -13.10 5.48 10.54
N ARG A 120 -13.45 6.30 9.57
CA ARG A 120 -14.80 6.83 9.53
C ARG A 120 -15.77 5.97 8.71
N GLY A 121 -16.85 5.52 9.33
CA GLY A 121 -17.95 4.85 8.65
C GLY A 121 -19.19 5.71 8.72
N LYS A 122 -20.21 5.28 7.98
CA LYS A 122 -21.47 6.00 7.87
C LYS A 122 -22.62 5.07 8.30
N MET A 123 -23.58 5.58 9.06
CA MET A 123 -24.84 4.88 9.34
C MET A 123 -26.05 5.75 9.13
N VAL A 124 -27.23 5.12 8.93
CA VAL A 124 -28.49 5.83 8.83
C VAL A 124 -29.23 5.56 10.09
N SER A 125 -29.85 6.57 10.63
CA SER A 125 -30.78 6.36 11.71
C SER A 125 -32.08 6.77 11.10
N TYR A 126 -33.09 5.91 11.23
CA TYR A 126 -34.34 6.14 10.58
C TYR A 126 -35.46 6.08 11.61
N ILE A 127 -36.51 6.81 11.31
CA ILE A 127 -37.68 6.81 12.14
C ILE A 127 -38.84 6.55 11.22
N GLN A 128 -39.65 5.55 11.59
CA GLN A 128 -40.80 5.10 10.81
C GLN A 128 -42.03 5.18 11.72
N CYS A 129 -43.01 5.99 11.33
CA CYS A 129 -44.29 5.99 12.04
C CYS A 129 -45.12 4.76 11.71
N LYS A 130 -45.87 4.30 12.71
CA LYS A 130 -46.68 3.09 12.58
C LYS A 130 -48.09 3.40 12.07
N GLU A 131 -48.68 4.53 12.50
CA GLU A 131 -50.04 4.90 12.07
C GLU A 131 -50.12 5.95 10.95
N VAL A 132 -48.97 6.39 10.40
CA VAL A 132 -49.00 7.36 9.29
C VAL A 132 -47.78 7.22 8.37
N ASP A 133 -47.78 7.92 7.24
CA ASP A 133 -46.77 7.70 6.19
C ASP A 133 -45.36 8.23 6.51
N TYR A 134 -45.25 9.20 7.43
CA TYR A 134 -43.95 9.82 7.69
C TYR A 134 -42.84 8.85 8.14
N ARG A 135 -41.75 8.86 7.38
CA ARG A 135 -40.47 8.30 7.79
C ARG A 135 -39.41 9.40 7.63
N SER A 136 -38.39 9.37 8.48
CA SER A 136 -37.24 10.29 8.40
C SER A 136 -35.95 9.48 8.54
N ASP A 137 -35.03 9.70 7.61
CA ASP A 137 -33.76 8.98 7.56
C ASP A 137 -32.70 10.07 7.59
N ARG A 138 -31.67 9.90 8.43
CA ARG A 138 -30.58 10.88 8.60
C ARG A 138 -29.27 10.12 8.75
N ARG A 139 -28.25 10.50 7.99
CA ARG A 139 -26.95 9.85 8.12
C ARG A 139 -26.15 10.34 9.34
N GLU A 140 -25.33 9.47 9.92
CA GLU A 140 -24.40 9.89 10.97
C GLU A 140 -23.06 9.26 10.73
N ASP A 141 -21.99 10.01 10.96
CA ASP A 141 -20.65 9.46 10.95
C ASP A 141 -20.27 8.92 12.32
N TYR A 142 -19.46 7.86 12.32
CA TYR A 142 -18.87 7.28 13.54
C TYR A 142 -17.43 6.90 13.25
N TYR A 143 -16.61 6.91 14.29
CA TYR A 143 -15.20 6.47 14.20
C TYR A 143 -14.98 5.24 15.06
N ASP A 144 -16.02 4.83 15.77
CA ASP A 144 -15.89 3.69 16.64
C ASP A 144 -17.31 3.26 16.98
N ILE A 145 -17.46 2.02 17.47
CA ILE A 145 -18.76 1.52 17.85
C ILE A 145 -18.69 0.95 19.25
N GLN A 146 -19.70 1.25 20.05
CA GLN A 146 -19.81 0.72 21.38
C GLN A 146 -20.88 -0.35 21.43
N LEU A 147 -20.50 -1.57 21.78
CA LEU A 147 -21.39 -2.72 21.67
C LEU A 147 -21.85 -3.19 23.04
N SER A 148 -23.13 -3.47 23.17
CA SER A 148 -23.69 -3.95 24.40
C SER A 148 -23.29 -5.40 24.53
N ILE A 149 -22.96 -5.84 25.75
CA ILE A 149 -22.66 -7.25 25.96
C ILE A 149 -23.53 -7.95 27.00
N LYS A 150 -24.14 -7.20 27.91
CA LYS A 150 -24.95 -7.79 28.96
C LYS A 150 -26.06 -8.57 28.34
N GLY A 151 -26.07 -9.86 28.58
CA GLY A 151 -27.08 -10.74 27.99
C GLY A 151 -26.75 -11.17 26.58
N LYS A 152 -25.57 -10.83 26.03
CA LYS A 152 -25.22 -11.26 24.66
C LYS A 152 -24.16 -12.34 24.65
N LYS A 153 -24.45 -13.48 24.01
CA LYS A 153 -23.46 -14.58 23.89
C LYS A 153 -22.21 -14.09 23.11
N ASN A 154 -22.41 -13.25 22.10
CA ASN A 154 -21.36 -13.01 21.12
C ASN A 154 -21.57 -11.75 20.31
N ILE A 155 -20.57 -11.43 19.52
CA ILE A 155 -20.54 -10.22 18.69
C ILE A 155 -21.71 -10.16 17.71
N PHE A 156 -22.06 -11.29 17.11
CA PHE A 156 -23.16 -11.32 16.16
C PHE A 156 -24.41 -10.76 16.87
N GLU A 157 -24.73 -11.29 18.03
CA GLU A 157 -25.88 -10.85 18.84
C GLU A 157 -25.78 -9.41 19.30
N SER A 158 -24.58 -8.90 19.58
CA SER A 158 -24.44 -7.46 19.90
C SER A 158 -24.79 -6.64 18.71
N PHE A 159 -24.39 -7.08 17.54
CA PHE A 159 -24.78 -6.35 16.31
C PHE A 159 -26.28 -6.43 16.04
N VAL A 160 -26.88 -7.60 16.24
CA VAL A 160 -28.30 -7.74 16.05
C VAL A 160 -28.96 -6.70 16.95
N ASP A 161 -28.54 -6.67 18.22
CA ASP A 161 -29.09 -5.74 19.20
C ASP A 161 -28.87 -4.31 18.76
N TYR A 162 -27.71 -4.05 18.20
CA TYR A 162 -27.36 -2.71 17.81
C TYR A 162 -28.30 -2.18 16.76
N VAL A 163 -28.73 -3.01 15.81
CA VAL A 163 -29.62 -2.56 14.71
C VAL A 163 -31.10 -2.90 14.92
N ALA A 164 -31.45 -3.38 16.11
CA ALA A 164 -32.82 -3.74 16.42
C ALA A 164 -33.74 -2.51 16.46
N VAL A 165 -35.01 -2.74 16.16
CA VAL A 165 -35.98 -1.68 16.13
C VAL A 165 -36.41 -1.30 17.56
N GLU A 166 -36.33 -0.02 17.90
CA GLU A 166 -36.73 0.51 19.23
C GLU A 166 -38.08 1.26 19.12
N GLN A 167 -39.06 0.87 19.95
CA GLN A 167 -40.39 1.50 19.92
C GLN A 167 -40.38 2.90 20.56
N LEU A 168 -41.30 3.75 20.11
CA LEU A 168 -41.42 5.08 20.65
C LEU A 168 -42.89 5.28 20.91
N ASP A 169 -43.37 4.74 22.03
CA ASP A 169 -44.80 4.71 22.36
C ASP A 169 -45.09 5.41 23.68
N GLY A 170 -46.38 5.59 23.98
CA GLY A 170 -46.87 6.15 25.25
C GLY A 170 -46.22 7.44 25.71
N ASP A 171 -45.13 7.31 26.46
CA ASP A 171 -44.46 8.41 27.18
C ASP A 171 -43.33 9.09 26.42
N ASN A 172 -42.67 8.33 25.53
CA ASN A 172 -41.71 8.89 24.58
C ASN A 172 -42.24 8.72 23.14
N LYS A 173 -43.51 9.13 22.92
CA LYS A 173 -44.08 9.19 21.56
C LYS A 173 -43.18 10.08 20.69
N TYR A 174 -43.12 9.82 19.38
CA TYR A 174 -42.26 10.61 18.48
C TYR A 174 -43.01 11.80 17.91
N ASP A 175 -42.33 12.95 17.84
CA ASP A 175 -42.92 14.20 17.32
C ASP A 175 -42.72 14.23 15.81
N ALA A 176 -43.82 14.05 15.07
CA ALA A 176 -43.82 13.87 13.64
C ALA A 176 -44.26 15.15 12.95
N GLY A 177 -44.12 16.27 13.65
CA GLY A 177 -44.27 17.58 13.02
C GLY A 177 -45.71 17.85 12.79
N GLU A 178 -46.09 17.95 11.53
CA GLU A 178 -47.46 18.26 11.21
C GLU A 178 -48.44 17.13 11.55
N HIS A 179 -47.91 15.92 11.64
CA HIS A 179 -48.65 14.73 12.10
C HIS A 179 -48.81 14.59 13.62
N GLY A 180 -48.21 15.49 14.41
CA GLY A 180 -48.38 15.46 15.86
C GLY A 180 -47.55 14.41 16.55
N LEU A 181 -47.92 14.06 17.78
CA LEU A 181 -47.17 13.02 18.50
C LEU A 181 -47.64 11.66 18.00
N GLN A 182 -46.72 10.71 17.85
CA GLN A 182 -47.03 9.43 17.20
C GLN A 182 -46.30 8.26 17.82
N GLU A 183 -46.91 7.08 17.76
CA GLU A 183 -46.17 5.82 18.02
C GLU A 183 -45.28 5.60 16.80
N ALA A 184 -44.07 5.14 17.02
CA ALA A 184 -43.17 4.94 15.89
C ALA A 184 -42.15 3.94 16.25
N GLU A 185 -41.44 3.47 15.23
CA GLU A 185 -40.27 2.58 15.43
C GLU A 185 -39.02 3.27 14.87
N LYS A 186 -37.90 3.05 15.55
CA LYS A 186 -36.65 3.64 15.11
C LYS A 186 -35.56 2.59 15.12
N GLY A 187 -34.57 2.75 14.25
CA GLY A 187 -33.45 1.86 14.24
C GLY A 187 -32.30 2.46 13.48
N VAL A 188 -31.24 1.68 13.37
CA VAL A 188 -30.01 2.11 12.76
C VAL A 188 -29.59 1.00 11.77
N LYS A 189 -28.93 1.39 10.67
CA LYS A 189 -28.37 0.45 9.69
C LYS A 189 -27.01 1.00 9.28
N PHE A 190 -26.04 0.16 9.00
CA PHE A 190 -24.79 0.64 8.44
C PHE A 190 -24.95 0.87 6.95
N LEU A 191 -24.42 1.99 6.49
CA LEU A 191 -24.27 2.28 5.08
C LEU A 191 -22.86 1.89 4.69
N THR A 192 -21.89 2.24 5.53
CA THR A 192 -20.51 1.86 5.29
C THR A 192 -19.83 1.51 6.61
N LEU A 193 -18.86 0.60 6.46
CA LEU A 193 -17.98 0.18 7.48
C LEU A 193 -16.55 0.54 7.04
N PRO A 194 -15.76 1.15 7.93
CA PRO A 194 -14.46 1.64 7.52
C PRO A 194 -13.40 0.55 7.46
N PRO A 195 -12.25 0.85 6.86
CA PRO A 195 -11.15 -0.12 6.78
C PRO A 195 -10.69 -0.69 8.15
N VAL A 196 -10.66 0.16 9.17
CA VAL A 196 -10.21 -0.26 10.45
C VAL A 196 -11.35 0.02 11.37
N LEU A 197 -11.81 -1.01 12.06
CA LEU A 197 -13.03 -0.97 12.84
C LEU A 197 -12.68 -1.13 14.29
N HIS A 198 -13.03 -0.13 15.08
CA HIS A 198 -12.80 -0.13 16.48
C HIS A 198 -14.10 -0.40 17.18
N LEU A 199 -14.14 -1.48 17.96
CA LEU A 199 -15.32 -1.85 18.72
C LEU A 199 -15.01 -1.78 20.22
N GLN A 200 -15.72 -0.97 20.98
CA GLN A 200 -15.60 -1.06 22.40
C GLN A 200 -16.70 -1.95 22.91
N LEU A 201 -16.36 -2.77 23.89
CA LEU A 201 -17.30 -3.66 24.56
C LEU A 201 -17.75 -3.03 25.88
N MET A 202 -19.06 -2.88 26.04
CA MET A 202 -19.59 -2.08 27.14
C MET A 202 -19.61 -2.87 28.44
N ARG A 203 -18.41 -3.17 28.95
CA ARG A 203 -18.26 -3.99 30.16
C ARG A 203 -18.32 -3.21 31.46
N PHE A 204 -18.12 -1.90 31.41
CA PHE A 204 -18.05 -1.10 32.65
C PHE A 204 -19.23 -0.13 32.72
N MET A 205 -20.17 -0.37 33.62
CA MET A 205 -21.48 0.33 33.61
C MET A 205 -21.79 0.99 34.98
N TYR A 206 -22.58 2.07 34.97
CA TYR A 206 -22.98 2.78 36.21
C TYR A 206 -24.31 2.25 36.73
N ASN A 213 -20.58 2.07 39.50
CA ASN A 213 -19.61 1.79 38.44
C ASN A 213 -18.92 0.41 38.57
N ILE A 214 -19.56 -0.64 38.02
CA ILE A 214 -19.07 -2.02 38.14
C ILE A 214 -18.69 -2.67 36.80
N LYS A 215 -17.80 -3.65 36.85
CA LYS A 215 -17.40 -4.37 35.67
C LYS A 215 -18.26 -5.58 35.46
N ILE A 216 -18.61 -5.88 34.23
CA ILE A 216 -19.29 -7.10 33.88
C ILE A 216 -18.28 -8.11 33.34
N ASN A 217 -18.21 -9.28 33.94
CA ASN A 217 -17.23 -10.30 33.54
C ASN A 217 -17.84 -11.47 32.80
N ASP A 218 -19.08 -11.35 32.36
CA ASP A 218 -19.72 -12.41 31.60
C ASP A 218 -18.93 -12.82 30.36
N ARG A 219 -19.12 -14.05 29.98
CA ARG A 219 -18.62 -14.58 28.75
C ARG A 219 -19.22 -13.85 27.55
N PHE A 220 -18.34 -13.40 26.69
CA PHE A 220 -18.70 -12.77 25.48
C PHE A 220 -17.72 -13.18 24.37
N GLU A 221 -18.19 -13.98 23.43
CA GLU A 221 -17.34 -14.58 22.39
C GLU A 221 -17.18 -13.67 21.18
N PHE A 222 -15.94 -13.60 20.67
CA PHE A 222 -15.61 -12.91 19.42
C PHE A 222 -14.73 -13.81 18.55
N PRO A 223 -14.96 -13.76 17.22
CA PRO A 223 -14.21 -14.59 16.28
C PRO A 223 -12.98 -13.88 15.68
N GLU A 224 -12.06 -14.66 15.15
CA GLU A 224 -10.92 -14.18 14.38
C GLU A 224 -11.38 -13.55 13.07
N GLN A 225 -12.46 -14.05 12.51
CA GLN A 225 -13.03 -13.54 11.26
C GLN A 225 -14.49 -13.20 11.44
N LEU A 226 -14.87 -12.01 11.00
CA LEU A 226 -16.16 -11.43 11.32
C LEU A 226 -16.81 -10.98 10.04
N PRO A 227 -17.87 -11.68 9.59
CA PRO A 227 -18.70 -11.27 8.44
C PRO A 227 -19.80 -10.33 8.87
N LEU A 228 -19.75 -9.10 8.39
CA LEU A 228 -20.71 -8.07 8.76
C LEU A 228 -21.71 -7.71 7.70
N ASP A 229 -21.61 -8.30 6.51
CA ASP A 229 -22.57 -8.03 5.42
C ASP A 229 -24.01 -7.83 5.85
N GLU A 230 -24.51 -8.67 6.76
CA GLU A 230 -25.94 -8.66 7.08
C GLU A 230 -26.42 -7.39 7.83
N PHE A 231 -25.49 -6.57 8.29
CA PHE A 231 -25.86 -5.36 9.02
C PHE A 231 -25.77 -4.09 8.17
N LEU A 232 -25.36 -4.26 6.91
CA LEU A 232 -25.31 -3.18 5.93
C LEU A 232 -26.64 -3.02 5.22
N GLN A 233 -26.98 -1.77 4.91
CA GLN A 233 -28.19 -1.47 4.14
C GLN A 233 -28.14 -2.05 2.73
N LYS A 234 -27.06 -1.77 2.01
CA LYS A 234 -26.82 -2.34 0.67
C LYS A 234 -25.39 -2.93 0.62
N THR A 235 -25.28 -4.22 0.28
CA THR A 235 -23.98 -4.89 0.16
C THR A 235 -23.34 -4.62 -1.20
N ASP A 236 -22.04 -4.88 -1.31
CA ASP A 236 -21.29 -4.77 -2.57
C ASP A 236 -20.69 -6.14 -2.90
N PRO A 237 -21.13 -6.76 -4.00
CA PRO A 237 -20.53 -8.06 -4.36
C PRO A 237 -19.01 -7.96 -4.67
N LYS A 238 -18.53 -6.79 -5.07
CA LYS A 238 -17.10 -6.58 -5.36
C LYS A 238 -16.22 -6.49 -4.09
N ASP A 239 -16.77 -5.96 -2.99
CA ASP A 239 -16.06 -5.81 -1.70
C ASP A 239 -16.96 -6.23 -0.54
N PRO A 240 -16.90 -7.51 -0.12
CA PRO A 240 -17.80 -7.91 0.97
C PRO A 240 -17.21 -7.47 2.33
N ALA A 241 -18.09 -7.29 3.30
CA ALA A 241 -17.71 -6.74 4.57
C ALA A 241 -17.21 -7.79 5.55
N ASN A 242 -16.16 -8.51 5.14
CA ASN A 242 -15.48 -9.44 6.04
C ASN A 242 -14.33 -8.73 6.71
N TYR A 243 -14.20 -8.96 8.02
CA TYR A 243 -13.15 -8.36 8.85
C TYR A 243 -12.28 -9.42 9.56
N ILE A 244 -11.02 -9.06 9.74
CA ILE A 244 -10.01 -9.86 10.38
C ILE A 244 -9.56 -9.22 11.68
N LEU A 245 -9.50 -10.00 12.75
CA LEU A 245 -9.16 -9.49 14.05
C LEU A 245 -7.68 -9.13 14.13
N HIS A 246 -7.40 -7.90 14.50
CA HIS A 246 -6.01 -7.41 14.59
C HIS A 246 -5.51 -7.20 16.06
N ALA A 247 -6.36 -6.68 16.92
CA ALA A 247 -5.98 -6.37 18.30
C ALA A 247 -7.11 -6.70 19.26
N VAL A 248 -6.69 -7.15 20.44
CA VAL A 248 -7.55 -7.39 21.58
C VAL A 248 -6.98 -6.66 22.80
N LEU A 249 -7.69 -5.66 23.28
CA LEU A 249 -7.31 -4.93 24.46
C LEU A 249 -8.07 -5.50 25.64
N VAL A 250 -7.33 -5.82 26.68
CA VAL A 250 -7.75 -6.68 27.74
C VAL A 250 -7.50 -6.03 29.09
N HIS A 251 -8.45 -6.26 29.99
CA HIS A 251 -8.39 -5.81 31.35
C HIS A 251 -8.65 -7.02 32.21
N SER A 252 -7.86 -7.15 33.27
CA SER A 252 -7.97 -8.30 34.17
C SER A 252 -8.16 -7.78 35.56
N GLY A 253 -9.15 -8.30 36.28
CA GLY A 253 -9.36 -7.97 37.71
C GLY A 253 -10.73 -7.36 37.99
N ASP A 254 -10.90 -6.75 39.16
CA ASP A 254 -12.25 -6.37 39.62
C ASP A 254 -12.74 -5.05 38.97
N ASN A 255 -13.88 -4.53 39.45
CA ASN A 255 -14.27 -3.17 39.10
C ASN A 255 -13.08 -2.24 39.35
N HIS A 256 -12.75 -2.12 40.63
CA HIS A 256 -11.71 -1.24 41.13
C HIS A 256 -10.32 -1.86 40.93
N GLY A 257 -9.41 -1.14 40.28
CA GLY A 257 -8.03 -1.58 40.09
C GLY A 257 -7.99 -2.63 39.01
N GLY A 258 -6.95 -2.60 38.17
CA GLY A 258 -6.83 -3.58 37.12
C GLY A 258 -5.47 -3.66 36.42
N HIS A 259 -5.19 -4.85 35.87
CA HIS A 259 -4.03 -5.05 34.98
C HIS A 259 -4.42 -4.97 33.48
N TYR A 260 -3.64 -4.24 32.68
CA TYR A 260 -3.92 -3.97 31.28
C TYR A 260 -2.93 -4.55 30.30
N VAL A 261 -3.35 -5.44 29.41
CA VAL A 261 -2.47 -5.89 28.31
C VAL A 261 -3.18 -5.75 26.96
N VAL A 262 -2.39 -5.76 25.88
CA VAL A 262 -2.96 -5.87 24.54
C VAL A 262 -2.29 -6.97 23.78
N TYR A 263 -3.10 -7.77 23.10
CA TYR A 263 -2.61 -8.78 22.19
C TYR A 263 -2.83 -8.26 20.79
N LEU A 264 -1.83 -8.46 19.92
CA LEU A 264 -1.89 -8.02 18.55
C LEU A 264 -1.36 -9.07 17.69
N ASN A 265 -1.86 -9.14 16.45
CA ASN A 265 -1.06 -9.82 15.39
C ASN A 265 -0.62 -8.84 14.31
N PRO A 266 0.50 -8.13 14.56
CA PRO A 266 0.89 -6.91 13.88
C PRO A 266 0.89 -6.98 12.37
N LYS A 267 1.35 -8.10 11.85
CA LYS A 267 1.50 -8.26 10.42
C LYS A 267 0.25 -8.86 9.83
N GLY A 268 -0.71 -9.24 10.68
CA GLY A 268 -2.01 -9.70 10.17
C GLY A 268 -1.98 -11.12 9.65
N ASP A 269 -0.94 -11.87 10.03
CA ASP A 269 -0.75 -13.27 9.62
C ASP A 269 -1.15 -14.31 10.70
N GLY A 270 -1.77 -13.89 11.80
CA GLY A 270 -2.06 -14.83 12.90
C GLY A 270 -0.87 -15.35 13.72
N LYS A 271 0.32 -14.75 13.56
CA LYS A 271 1.38 -14.84 14.56
C LYS A 271 1.21 -13.75 15.66
N TRP A 272 0.63 -14.15 16.79
CA TRP A 272 0.24 -13.22 17.87
C TRP A 272 1.33 -12.92 18.90
N CYS A 273 1.25 -11.71 19.43
CA CYS A 273 2.14 -11.18 20.46
C CYS A 273 1.38 -10.47 21.58
N LYS A 274 1.87 -10.60 22.81
CA LYS A 274 1.25 -10.01 24.00
C LYS A 274 2.10 -8.86 24.43
N PHE A 275 1.49 -7.69 24.61
CA PHE A 275 2.22 -6.49 25.01
C PHE A 275 1.77 -6.07 26.39
N ASP A 276 2.67 -6.29 27.34
CA ASP A 276 2.40 -6.05 28.76
C ASP A 276 3.40 -5.00 29.19
N ASP A 277 3.14 -3.74 28.80
CA ASP A 277 4.03 -2.60 29.05
C ASP A 277 5.41 -2.89 28.50
N ASP A 278 6.43 -3.00 29.35
CA ASP A 278 7.78 -3.13 28.82
C ASP A 278 8.09 -4.55 28.33
N VAL A 279 7.27 -5.54 28.69
CA VAL A 279 7.47 -6.92 28.25
C VAL A 279 6.59 -7.24 27.04
N VAL A 280 7.21 -7.79 26.00
CA VAL A 280 6.53 -8.27 24.80
C VAL A 280 6.94 -9.71 24.54
N SER A 281 5.98 -10.62 24.36
CA SER A 281 6.28 -12.03 24.12
C SER A 281 5.36 -12.59 23.05
N ARG A 282 5.82 -13.61 22.34
CA ARG A 282 4.98 -14.37 21.42
C ARG A 282 3.98 -15.16 22.25
N CYS A 283 2.74 -15.26 21.78
CA CYS A 283 1.74 -16.11 22.42
C CYS A 283 0.93 -16.91 21.41
N THR A 284 0.19 -17.88 21.92
CA THR A 284 -0.76 -18.65 21.11
C THR A 284 -2.01 -17.83 20.70
N LYS A 285 -2.69 -18.33 19.68
CA LYS A 285 -3.94 -17.74 19.17
C LYS A 285 -5.03 -17.91 20.23
N GLU A 286 -4.99 -19.01 20.95
CA GLU A 286 -5.96 -19.27 22.00
C GLU A 286 -5.81 -18.27 23.14
N GLU A 287 -4.57 -17.89 23.47
CA GLU A 287 -4.37 -16.94 24.54
C GLU A 287 -4.81 -15.55 24.15
N ALA A 288 -4.64 -15.22 22.87
CA ALA A 288 -5.04 -13.91 22.37
C ALA A 288 -6.56 -13.78 22.21
N ILE A 289 -7.24 -14.87 21.87
CA ILE A 289 -8.68 -14.85 21.55
C ILE A 289 -9.57 -15.53 22.58
N GLU A 290 -9.61 -16.85 22.60
CA GLU A 290 -10.59 -17.52 23.46
C GLU A 290 -10.37 -17.20 24.95
N HIS A 291 -9.11 -17.09 25.37
CA HIS A 291 -8.81 -16.94 26.79
C HIS A 291 -9.30 -15.59 27.29
N ASN A 292 -9.71 -14.69 26.40
CA ASN A 292 -10.31 -13.38 26.78
C ASN A 292 -11.81 -13.24 26.58
N TYR A 293 -12.48 -14.37 26.47
CA TYR A 293 -13.93 -14.40 26.35
C TYR A 293 -14.64 -14.06 27.69
N GLY A 294 -13.96 -14.31 28.80
CA GLY A 294 -14.50 -14.09 30.13
C GLY A 294 -15.34 -15.27 30.53
N GLY A 295 -16.09 -15.18 31.64
CA GLY A 295 -17.17 -16.14 31.94
C GLY A 295 -17.10 -16.89 33.25
N HIS A 304 -9.22 -16.33 34.63
CA HIS A 304 -10.17 -16.00 35.69
C HIS A 304 -11.15 -14.88 35.21
N CYS A 305 -10.99 -13.65 35.73
CA CYS A 305 -11.82 -12.49 35.36
C CYS A 305 -11.09 -11.56 34.36
N THR A 306 -10.44 -12.20 33.38
CA THR A 306 -9.67 -11.55 32.34
C THR A 306 -10.50 -11.56 31.06
N ASN A 307 -10.55 -10.43 30.37
CA ASN A 307 -11.39 -10.32 29.19
C ASN A 307 -11.21 -9.04 28.40
N ALA A 308 -11.64 -9.11 27.14
CA ALA A 308 -11.56 -8.01 26.23
C ALA A 308 -12.55 -6.89 26.54
N TYR A 309 -12.08 -5.65 26.40
CA TYR A 309 -12.97 -4.48 26.43
C TYR A 309 -12.94 -3.70 25.11
N MET A 310 -12.01 -3.97 24.21
CA MET A 310 -11.99 -3.32 22.90
C MET A 310 -11.35 -4.22 21.88
N LEU A 311 -11.84 -4.15 20.66
CA LEU A 311 -11.33 -5.03 19.60
C LEU A 311 -11.07 -4.22 18.37
N VAL A 312 -10.05 -4.59 17.62
CA VAL A 312 -9.75 -3.93 16.38
C VAL A 312 -9.76 -4.94 15.26
N TYR A 313 -10.66 -4.70 14.29
CA TYR A 313 -10.74 -5.53 13.15
C TYR A 313 -10.36 -4.71 11.93
N ILE A 314 -9.85 -5.40 10.92
CA ILE A 314 -9.48 -4.77 9.68
C ILE A 314 -10.22 -5.46 8.52
N ARG A 315 -10.83 -4.65 7.66
CA ARG A 315 -11.50 -5.14 6.45
C ARG A 315 -10.50 -5.87 5.60
N GLU A 316 -10.84 -7.09 5.26
CA GLU A 316 -9.90 -8.04 4.59
C GLU A 316 -9.34 -7.49 3.25
N SER A 317 -10.18 -6.80 2.49
CA SER A 317 -9.77 -6.23 1.22
C SER A 317 -8.86 -4.98 1.43
N LYS A 318 -8.75 -4.52 2.67
CA LYS A 318 -7.92 -3.40 2.95
C LYS A 318 -6.69 -3.78 3.71
N LEU A 319 -6.54 -5.04 4.05
CA LEU A 319 -5.46 -5.46 4.99
C LEU A 319 -4.03 -5.13 4.58
N SER A 320 -3.73 -5.31 3.31
CA SER A 320 -2.37 -5.06 2.77
C SER A 320 -1.93 -3.61 2.82
N GLU A 321 -2.87 -2.72 2.53
CA GLU A 321 -2.66 -1.27 2.55
C GLU A 321 -2.60 -0.77 3.99
N VAL A 322 -3.57 -1.14 4.79
CA VAL A 322 -3.55 -0.77 6.19
C VAL A 322 -2.26 -1.23 6.92
N LEU A 323 -1.78 -2.41 6.61
CA LEU A 323 -0.58 -2.96 7.23
C LEU A 323 0.65 -2.94 6.32
N GLN A 324 0.69 -2.02 5.35
CA GLN A 324 1.88 -1.82 4.51
C GLN A 324 3.14 -1.64 5.38
N ALA A 325 4.16 -2.39 5.05
CA ALA A 325 5.47 -2.29 5.67
C ALA A 325 5.94 -0.86 5.80
N VAL A 326 6.48 -0.52 6.98
CA VAL A 326 7.10 0.78 7.20
C VAL A 326 8.58 0.52 7.33
N THR A 327 9.39 1.37 6.70
CA THR A 327 10.83 1.23 6.74
C THR A 327 11.36 2.48 7.39
N ASP A 328 12.68 2.52 7.57
CA ASP A 328 13.36 3.68 8.14
C ASP A 328 13.32 4.87 7.20
N HIS A 329 13.39 4.63 5.90
CA HIS A 329 13.31 5.72 4.92
C HIS A 329 12.00 6.50 5.01
N ASP A 330 10.95 5.92 5.61
CA ASP A 330 9.65 6.58 5.71
C ASP A 330 9.60 7.76 6.69
N ILE A 331 10.68 7.99 7.45
CA ILE A 331 10.74 9.12 8.38
C ILE A 331 11.62 10.24 7.79
N PRO A 332 11.04 11.41 7.46
CA PRO A 332 11.88 12.45 6.87
C PRO A 332 12.99 12.88 7.82
N GLN A 333 14.15 13.15 7.24
CA GLN A 333 15.36 13.37 8.01
C GLN A 333 15.20 14.58 8.92
N GLN A 334 14.47 15.59 8.47
CA GLN A 334 14.26 16.79 9.29
C GLN A 334 13.67 16.40 10.64
N LEU A 335 12.68 15.52 10.61
CA LEU A 335 12.11 15.00 11.85
C LEU A 335 13.07 14.09 12.63
N VAL A 336 13.76 13.18 11.96
CA VAL A 336 14.80 12.38 12.61
C VAL A 336 15.88 13.25 13.30
N GLU A 337 16.31 14.33 12.64
CA GLU A 337 17.30 15.26 13.24
C GLU A 337 16.74 15.90 14.52
N ARG A 338 15.47 16.32 14.51
CA ARG A 338 14.95 17.04 15.66
C ARG A 338 14.88 16.11 16.87
N LEU A 339 14.54 14.85 16.64
CA LEU A 339 14.33 13.89 17.73
C LEU A 339 15.66 13.45 18.27
N GLN A 340 16.64 13.32 17.37
CA GLN A 340 18.05 13.13 17.74
C GLN A 340 18.60 14.28 18.60
N GLU A 341 18.41 15.53 18.19
CA GLU A 341 18.88 16.65 19.00
C GLU A 341 18.26 16.63 20.40
N GLU A 342 17.03 16.13 20.52
CA GLU A 342 16.37 16.02 21.84
C GLU A 342 16.98 14.92 22.70
N LYS A 343 17.22 13.75 22.11
CA LYS A 343 17.95 12.68 22.78
C LYS A 343 19.30 13.22 23.29
N ARG A 344 19.97 14.04 22.48
CA ARG A 344 21.26 14.59 22.88
C ARG A 344 21.17 15.68 23.94
N ILE A 345 20.18 16.56 23.85
CA ILE A 345 20.00 17.50 24.93
C ILE A 345 19.73 16.72 26.23
N GLU A 346 18.79 15.76 26.18
CA GLU A 346 18.48 14.89 27.34
C GLU A 346 19.70 14.10 27.83
N ALA A 347 20.40 13.45 26.91
CA ALA A 347 21.57 12.63 27.26
C ALA A 347 22.63 13.38 28.08
N GLN A 348 22.67 14.71 28.00
CA GLN A 348 23.49 15.52 28.90
C GLN A 348 22.90 15.58 30.32
N LYS A 349 22.11 14.57 30.71
CA LYS A 349 21.80 14.30 32.14
C LYS A 349 20.96 15.39 32.78
N LYS B 4 -15.01 -12.37 -22.06
CA LYS B 4 -14.24 -11.78 -20.93
C LYS B 4 -14.57 -12.56 -19.64
N HIS B 5 -13.80 -13.63 -19.43
CA HIS B 5 -13.82 -14.46 -18.22
C HIS B 5 -12.59 -14.22 -17.33
N THR B 6 -11.83 -13.18 -17.68
CA THR B 6 -10.68 -12.74 -16.93
C THR B 6 -10.94 -11.55 -15.98
N GLY B 7 -11.92 -10.69 -16.29
CA GLY B 7 -12.12 -9.38 -15.62
C GLY B 7 -11.37 -8.19 -16.23
N TYR B 8 -10.54 -8.47 -17.24
CA TYR B 8 -9.67 -7.45 -17.78
C TYR B 8 -10.01 -7.19 -19.21
N VAL B 9 -9.74 -5.97 -19.67
CA VAL B 9 -10.04 -5.59 -21.03
C VAL B 9 -8.77 -5.37 -21.87
N GLY B 10 -8.85 -5.75 -23.14
CA GLY B 10 -7.74 -5.69 -24.10
C GLY B 10 -7.59 -4.33 -24.74
N LEU B 11 -6.53 -4.15 -25.51
CA LEU B 11 -6.29 -2.90 -26.24
C LEU B 11 -6.42 -3.22 -27.74
N LYS B 12 -6.98 -2.28 -28.49
CA LYS B 12 -7.19 -2.47 -29.92
C LYS B 12 -5.87 -2.58 -30.71
N ASN B 13 -5.87 -3.39 -31.75
CA ASN B 13 -4.81 -3.31 -32.72
C ASN B 13 -5.20 -2.22 -33.71
N GLN B 14 -4.56 -1.05 -33.61
CA GLN B 14 -4.71 0.02 -34.58
C GLN B 14 -3.36 0.18 -35.39
N GLY B 15 -2.74 -0.94 -35.81
CA GLY B 15 -1.54 -0.91 -36.70
C GLY B 15 -0.28 -1.50 -36.08
N ALA B 16 0.80 -1.54 -36.84
CA ALA B 16 2.12 -1.89 -36.33
C ALA B 16 2.70 -0.85 -35.33
N THR B 17 2.19 -0.88 -34.10
CA THR B 17 2.78 -0.21 -32.95
C THR B 17 3.60 -1.24 -32.15
N CYS B 18 3.80 -2.40 -32.75
CA CYS B 18 4.76 -3.42 -32.33
C CYS B 18 4.55 -3.78 -30.86
N TYR B 19 5.43 -3.31 -29.99
CA TYR B 19 5.44 -3.65 -28.56
C TYR B 19 4.61 -2.71 -27.73
N MET B 20 4.05 -1.66 -28.31
CA MET B 20 3.41 -0.64 -27.46
C MET B 20 2.29 -1.21 -26.55
N ASN B 21 1.43 -2.03 -27.10
CA ASN B 21 0.27 -2.53 -26.34
C ASN B 21 0.65 -3.41 -25.16
N SER B 22 1.62 -4.27 -25.40
CA SER B 22 2.22 -5.07 -24.37
C SER B 22 2.81 -4.24 -23.24
N LEU B 23 3.49 -3.15 -23.62
CA LEU B 23 4.10 -2.29 -22.67
C LEU B 23 3.05 -1.56 -21.89
N LEU B 24 2.00 -1.09 -22.56
CA LEU B 24 0.93 -0.35 -21.86
C LEU B 24 0.18 -1.16 -20.85
N GLN B 25 -0.07 -2.43 -21.15
CA GLN B 25 -0.72 -3.32 -20.13
C GLN B 25 0.19 -3.58 -18.95
N THR B 26 1.48 -3.77 -19.22
CA THR B 26 2.49 -3.92 -18.16
C THR B 26 2.47 -2.72 -17.22
N LEU B 27 2.50 -1.52 -17.79
CA LEU B 27 2.39 -0.27 -17.00
C LEU B 27 1.04 -0.09 -16.29
N PHE B 28 -0.04 -0.45 -16.96
CA PHE B 28 -1.38 -0.37 -16.33
C PHE B 28 -1.47 -1.22 -15.10
N PHE B 29 -0.90 -2.44 -15.14
CA PHE B 29 -0.90 -3.36 -13.98
C PHE B 29 0.23 -3.12 -12.96
N THR B 30 0.97 -2.02 -13.14
CA THR B 30 1.80 -1.47 -12.09
C THR B 30 0.94 -0.49 -11.31
N ASN B 31 0.13 -1.05 -10.43
CA ASN B 31 -0.94 -0.30 -9.79
C ASN B 31 -0.53 0.98 -9.07
N GLN B 32 0.57 0.95 -8.36
CA GLN B 32 1.05 2.14 -7.67
C GLN B 32 1.35 3.26 -8.68
N LEU B 33 1.96 2.91 -9.80
CA LEU B 33 2.12 3.85 -10.91
C LEU B 33 0.75 4.34 -11.45
N ARG B 34 -0.21 3.44 -11.59
CA ARG B 34 -1.51 3.83 -12.14
C ARG B 34 -2.17 4.88 -11.27
N LYS B 35 -2.27 4.62 -9.99
CA LYS B 35 -2.79 5.57 -9.00
C LYS B 35 -2.15 6.94 -9.11
N ALA B 36 -0.83 6.98 -9.25
CA ALA B 36 -0.12 8.25 -9.22
C ALA B 36 -0.41 9.02 -10.51
N VAL B 37 -0.45 8.31 -11.62
CA VAL B 37 -0.87 8.89 -12.88
C VAL B 37 -2.24 9.52 -12.77
N TYR B 38 -3.18 8.82 -12.09
CA TYR B 38 -4.52 9.38 -11.96
C TYR B 38 -4.53 10.71 -11.20
N MET B 39 -3.55 10.94 -10.33
CA MET B 39 -3.46 12.20 -9.55
C MET B 39 -2.79 13.39 -10.25
N MET B 40 -2.26 13.24 -11.44
CA MET B 40 -1.56 14.37 -12.04
C MET B 40 -2.54 15.46 -12.43
N PRO B 41 -2.18 16.73 -12.13
CA PRO B 41 -3.01 17.91 -12.42
C PRO B 41 -3.03 18.28 -13.92
N THR B 42 -3.81 17.51 -14.68
CA THR B 42 -3.92 17.73 -16.13
C THR B 42 -5.06 18.67 -16.54
N GLU B 43 -5.63 19.43 -15.59
CA GLU B 43 -6.81 20.25 -15.87
C GLU B 43 -6.56 21.31 -16.93
N GLY B 44 -5.42 21.99 -16.85
CA GLY B 44 -5.05 22.99 -17.85
C GLY B 44 -4.48 22.44 -19.16
N ASP B 45 -4.07 21.17 -19.18
CA ASP B 45 -3.43 20.62 -20.38
C ASP B 45 -4.29 20.71 -21.63
N ASP B 46 -3.61 20.78 -22.77
CA ASP B 46 -4.25 20.72 -24.07
C ASP B 46 -4.56 19.26 -24.43
N SER B 47 -5.77 19.07 -24.92
CA SER B 47 -6.44 17.78 -24.94
C SER B 47 -5.92 16.85 -26.01
N SER B 48 -4.93 17.27 -26.79
CA SER B 48 -4.32 16.41 -27.82
C SER B 48 -2.81 16.36 -27.79
N LYS B 49 -2.18 17.44 -27.31
CA LYS B 49 -0.72 17.53 -27.21
C LYS B 49 -0.14 17.03 -25.87
N SER B 50 -1.01 16.66 -24.93
CA SER B 50 -0.59 16.19 -23.61
C SER B 50 -0.41 14.68 -23.53
N VAL B 51 0.82 14.22 -23.36
CA VAL B 51 1.09 12.81 -23.08
C VAL B 51 0.54 12.38 -21.68
N PRO B 52 0.76 13.19 -20.62
CA PRO B 52 0.18 12.80 -19.33
C PRO B 52 -1.35 12.59 -19.41
N LEU B 53 -2.06 13.55 -19.98
CA LEU B 53 -3.52 13.41 -20.16
C LEU B 53 -3.86 12.16 -20.96
N ALA B 54 -3.13 11.92 -22.04
CA ALA B 54 -3.44 10.78 -22.90
C ALA B 54 -3.15 9.44 -22.19
N LEU B 55 -2.16 9.42 -21.30
CA LEU B 55 -1.94 8.22 -20.49
C LEU B 55 -3.09 8.04 -19.48
N GLN B 56 -3.49 9.11 -18.82
CA GLN B 56 -4.65 9.06 -17.92
C GLN B 56 -5.88 8.45 -18.65
N ARG B 57 -6.09 8.91 -19.88
CA ARG B 57 -7.24 8.46 -20.68
C ARG B 57 -7.20 6.96 -20.94
N VAL B 58 -6.06 6.42 -21.36
CA VAL B 58 -5.97 4.98 -21.61
C VAL B 58 -6.17 4.11 -20.35
N PHE B 59 -5.58 4.52 -19.25
CA PHE B 59 -5.70 3.78 -17.99
C PHE B 59 -7.17 3.79 -17.49
N TYR B 60 -7.82 4.95 -17.51
CA TYR B 60 -9.25 5.01 -17.21
C TYR B 60 -10.06 3.99 -18.00
N GLU B 61 -9.86 3.97 -19.31
CA GLU B 61 -10.59 3.07 -20.19
C GLU B 61 -10.21 1.64 -19.91
N LEU B 62 -8.94 1.36 -19.69
CA LEU B 62 -8.64 -0.01 -19.34
C LEU B 62 -9.30 -0.44 -18.06
N GLN B 63 -9.56 0.50 -17.19
CA GLN B 63 -10.10 0.14 -15.90
C GLN B 63 -11.61 0.07 -15.90
N HIS B 64 -12.28 0.85 -16.73
CA HIS B 64 -13.77 0.88 -16.76
C HIS B 64 -14.49 0.28 -17.95
N SER B 65 -13.83 0.24 -19.11
CA SER B 65 -14.50 -0.16 -20.35
C SER B 65 -14.74 -1.66 -20.40
N ASP B 66 -15.85 -2.02 -21.03
CA ASP B 66 -16.20 -3.39 -21.40
C ASP B 66 -15.79 -3.70 -22.85
N LYS B 67 -15.25 -2.72 -23.56
CA LYS B 67 -14.82 -2.91 -24.98
C LYS B 67 -13.30 -2.64 -25.13
N PRO B 68 -12.65 -3.21 -26.17
CA PRO B 68 -11.22 -2.91 -26.39
C PRO B 68 -10.95 -1.41 -26.50
N VAL B 69 -9.82 -0.98 -25.95
CA VAL B 69 -9.52 0.43 -25.78
C VAL B 69 -8.58 0.92 -26.86
N GLY B 70 -8.87 2.12 -27.38
CA GLY B 70 -8.08 2.74 -28.43
C GLY B 70 -6.82 3.41 -27.88
N THR B 71 -5.81 3.60 -28.74
CA THR B 71 -4.55 4.25 -28.31
C THR B 71 -4.06 5.38 -29.21
N LYS B 72 -4.89 5.83 -30.15
CA LYS B 72 -4.46 6.77 -31.19
C LYS B 72 -4.09 8.15 -30.63
N LYS B 73 -4.87 8.68 -29.72
CA LYS B 73 -4.56 9.98 -29.14
C LYS B 73 -3.22 9.88 -28.39
N LEU B 74 -2.91 8.71 -27.89
CA LEU B 74 -1.71 8.55 -27.08
C LEU B 74 -0.50 8.66 -28.01
N THR B 75 -0.53 7.92 -29.11
CA THR B 75 0.60 7.91 -30.06
C THR B 75 0.78 9.27 -30.71
N LYS B 76 -0.31 9.92 -31.05
CA LYS B 76 -0.22 11.27 -31.59
C LYS B 76 0.45 12.17 -30.56
N SER B 77 0.13 12.02 -29.27
CA SER B 77 0.61 12.99 -28.27
C SER B 77 2.14 12.96 -28.12
N PHE B 78 2.78 11.81 -28.26
CA PHE B 78 4.27 11.78 -28.24
C PHE B 78 4.94 11.71 -29.63
N GLY B 79 4.15 11.78 -30.71
CA GLY B 79 4.69 12.02 -32.03
C GLY B 79 5.31 10.82 -32.71
N TRP B 80 4.96 9.60 -32.32
CA TRP B 80 5.41 8.44 -33.07
C TRP B 80 4.36 8.01 -34.11
N GLU B 81 4.08 8.88 -35.05
CA GLU B 81 2.93 8.70 -35.95
C GLU B 81 3.39 8.20 -37.32
N THR B 82 4.66 7.88 -37.41
CA THR B 82 5.33 7.73 -38.70
C THR B 82 5.37 6.26 -39.09
N LEU B 83 5.66 6.00 -40.34
CA LEU B 83 5.66 4.62 -40.77
C LEU B 83 6.49 3.73 -39.87
N ASP B 84 7.57 4.28 -39.29
CA ASP B 84 8.71 3.52 -38.74
C ASP B 84 9.27 3.96 -37.40
N SER B 85 8.55 4.80 -36.68
CA SER B 85 9.06 5.23 -35.37
C SER B 85 9.09 4.06 -34.38
N PHE B 86 8.11 3.17 -34.45
CA PHE B 86 8.14 1.97 -33.63
C PHE B 86 9.20 0.97 -34.02
N MET B 87 9.41 0.78 -35.32
CA MET B 87 10.42 -0.16 -35.76
C MET B 87 11.90 0.32 -35.53
N GLN B 88 12.14 1.61 -35.29
CA GLN B 88 13.47 2.16 -35.10
C GLN B 88 13.83 2.49 -33.64
N HIS B 89 12.97 2.12 -32.69
CA HIS B 89 13.23 2.34 -31.26
C HIS B 89 13.17 1.04 -30.53
N ASP B 90 13.74 1.02 -29.33
CA ASP B 90 13.69 -0.14 -28.46
C ASP B 90 12.51 0.08 -27.54
N VAL B 91 12.06 -0.99 -26.89
CA VAL B 91 10.93 -0.95 -25.99
C VAL B 91 11.23 -0.08 -24.78
N GLN B 92 12.46 -0.10 -24.26
CA GLN B 92 12.85 0.78 -23.12
C GLN B 92 12.90 2.26 -23.48
N GLU B 93 13.15 2.57 -24.75
CA GLU B 93 13.10 3.97 -25.21
C GLU B 93 11.68 4.51 -25.21
N LEU B 94 10.70 3.66 -25.51
CA LEU B 94 9.29 4.08 -25.42
C LEU B 94 8.89 4.28 -23.94
N CYS B 95 9.28 3.35 -23.12
CA CYS B 95 9.00 3.44 -21.70
C CYS B 95 9.56 4.74 -21.15
N ARG B 96 10.81 5.05 -21.44
CA ARG B 96 11.38 6.33 -21.01
C ARG B 96 10.63 7.53 -21.51
N VAL B 97 10.18 7.50 -22.75
CA VAL B 97 9.40 8.60 -23.25
C VAL B 97 8.14 8.79 -22.43
N LEU B 98 7.48 7.69 -22.13
CA LEU B 98 6.29 7.71 -21.34
C LEU B 98 6.53 8.13 -19.89
N LEU B 99 7.48 7.49 -19.22
CA LEU B 99 7.71 7.76 -17.77
C LEU B 99 8.33 9.12 -17.46
N ASP B 100 9.12 9.65 -18.39
CA ASP B 100 9.66 10.99 -18.27
C ASP B 100 8.59 12.07 -18.36
N ASN B 101 7.59 11.94 -19.24
CA ASN B 101 6.57 12.98 -19.32
C ASN B 101 5.85 13.09 -17.99
N VAL B 102 5.38 11.94 -17.58
CA VAL B 102 4.66 11.67 -16.34
C VAL B 102 5.44 12.11 -15.11
N GLU B 103 6.69 11.66 -14.97
CA GLU B 103 7.57 12.07 -13.85
C GLU B 103 7.67 13.57 -13.80
N ASN B 104 7.76 14.20 -14.97
CA ASN B 104 7.84 15.66 -15.04
C ASN B 104 6.56 16.33 -14.67
N LYS B 105 5.45 15.74 -15.08
CA LYS B 105 4.18 16.32 -14.69
C LYS B 105 3.98 16.23 -13.16
N MET B 106 4.63 15.26 -12.52
CA MET B 106 4.42 15.03 -11.10
C MET B 106 5.23 15.97 -10.22
N LYS B 107 6.16 16.70 -10.82
CA LYS B 107 6.99 17.65 -10.06
C LYS B 107 6.13 18.71 -9.43
N GLY B 108 6.23 18.84 -8.11
CA GLY B 108 5.52 19.88 -7.35
C GLY B 108 4.19 19.43 -6.76
N THR B 109 3.83 18.17 -6.97
CA THR B 109 2.58 17.58 -6.50
C THR B 109 2.84 16.54 -5.41
N CYS B 110 1.78 15.98 -4.86
CA CYS B 110 1.88 15.02 -3.76
C CYS B 110 2.42 13.67 -4.18
N VAL B 111 2.54 13.45 -5.49
CA VAL B 111 3.16 12.23 -6.00
C VAL B 111 4.53 12.48 -6.66
N GLU B 112 5.10 13.65 -6.47
CA GLU B 112 6.51 13.84 -6.88
C GLU B 112 7.37 12.67 -6.40
N GLY B 113 8.12 12.07 -7.32
CA GLY B 113 9.11 11.05 -7.01
C GLY B 113 8.65 9.62 -7.20
N THR B 114 7.40 9.42 -7.55
CA THR B 114 6.87 8.07 -7.72
C THR B 114 7.62 7.22 -8.75
N ILE B 115 8.07 7.83 -9.83
CA ILE B 115 8.66 7.06 -10.93
C ILE B 115 10.05 6.61 -10.53
N PRO B 116 10.88 7.54 -10.07
CA PRO B 116 12.20 7.05 -9.62
C PRO B 116 12.09 6.09 -8.44
N LYS B 117 11.20 6.35 -7.50
CA LYS B 117 10.93 5.42 -6.40
C LYS B 117 10.61 4.03 -6.92
N LEU B 118 9.81 3.92 -7.97
CA LEU B 118 9.47 2.57 -8.46
C LEU B 118 10.50 1.90 -9.37
N PHE B 119 11.20 2.67 -10.18
CA PHE B 119 12.00 2.10 -11.27
C PHE B 119 13.49 2.38 -11.20
N ARG B 120 13.94 3.29 -10.36
CA ARG B 120 15.34 3.73 -10.40
C ARG B 120 16.21 2.91 -9.46
N GLY B 121 17.24 2.27 -10.01
CA GLY B 121 18.30 1.65 -9.23
C GLY B 121 19.61 2.40 -9.41
N LYS B 122 20.59 2.01 -8.61
CA LYS B 122 21.91 2.59 -8.62
C LYS B 122 22.95 1.50 -8.86
N MET B 123 23.95 1.79 -9.70
CA MET B 123 25.12 0.91 -9.86
C MET B 123 26.42 1.70 -9.78
N VAL B 124 27.53 1.00 -9.49
CA VAL B 124 28.87 1.56 -9.53
C VAL B 124 29.56 1.04 -10.72
N SER B 125 30.25 1.88 -11.44
CA SER B 125 31.12 1.41 -12.46
C SER B 125 32.48 1.80 -11.96
N TYR B 126 33.41 0.84 -11.96
CA TYR B 126 34.68 1.07 -11.36
C TYR B 126 35.78 0.73 -12.35
N ILE B 127 36.92 1.39 -12.17
CA ILE B 127 38.09 1.12 -12.96
C ILE B 127 39.22 0.95 -11.97
N GLN B 128 39.93 -0.18 -12.10
CA GLN B 128 41.01 -0.59 -11.18
C GLN B 128 42.25 -0.81 -12.03
N CYS B 129 43.30 -0.04 -11.77
CA CYS B 129 44.58 -0.30 -12.44
C CYS B 129 45.25 -1.54 -11.84
N LYS B 130 45.95 -2.28 -12.69
CA LYS B 130 46.66 -3.48 -12.30
C LYS B 130 48.10 -3.22 -11.81
N GLU B 131 48.80 -2.25 -12.41
CA GLU B 131 50.19 -1.92 -12.00
C GLU B 131 50.34 -0.68 -11.10
N VAL B 132 49.25 -0.02 -10.71
CA VAL B 132 49.36 1.16 -9.81
C VAL B 132 48.13 1.30 -8.93
N ASP B 133 48.17 2.21 -7.95
CA ASP B 133 47.11 2.31 -6.94
C ASP B 133 45.78 2.90 -7.44
N TYR B 134 45.79 3.66 -8.53
CA TYR B 134 44.57 4.34 -8.98
C TYR B 134 43.37 3.42 -9.28
N ARG B 135 42.28 3.70 -8.57
CA ARG B 135 40.98 3.18 -8.88
C ARG B 135 40.02 4.37 -8.98
N SER B 136 39.01 4.25 -9.82
CA SER B 136 37.94 5.27 -9.94
C SER B 136 36.60 4.55 -9.91
N ASP B 137 35.72 4.99 -9.02
CA ASP B 137 34.41 4.41 -8.82
C ASP B 137 33.44 5.56 -9.02
N ARG B 138 32.39 5.34 -9.80
CA ARG B 138 31.42 6.38 -10.13
C ARG B 138 30.05 5.72 -10.15
N ARG B 139 29.10 6.33 -9.45
CA ARG B 139 27.74 5.81 -9.47
C ARG B 139 26.97 6.18 -10.78
N GLU B 140 26.07 5.31 -11.21
CA GLU B 140 25.17 5.64 -12.29
C GLU B 140 23.77 5.18 -11.93
N ASP B 141 22.78 5.98 -12.28
CA ASP B 141 21.40 5.56 -12.22
C ASP B 141 20.96 4.84 -13.47
N TYR B 142 20.04 3.87 -13.30
CA TYR B 142 19.40 3.14 -14.41
C TYR B 142 17.92 2.97 -14.08
N TYR B 143 17.08 2.87 -15.11
CA TYR B 143 15.66 2.58 -14.97
C TYR B 143 15.32 1.26 -15.63
N ASP B 144 16.30 0.61 -16.22
CA ASP B 144 16.07 -0.64 -16.89
C ASP B 144 17.45 -1.26 -17.13
N ILE B 145 17.48 -2.56 -17.43
CA ILE B 145 18.72 -3.24 -17.74
C ILE B 145 18.56 -4.06 -18.99
N GLN B 146 19.59 -4.04 -19.83
CA GLN B 146 19.61 -4.76 -21.07
C GLN B 146 20.57 -5.91 -20.95
N LEU B 147 20.06 -7.12 -21.07
CA LEU B 147 20.83 -8.30 -20.75
C LEU B 147 21.21 -9.03 -22.04
N SER B 148 22.45 -9.47 -22.09
CA SER B 148 22.93 -10.23 -23.23
C SER B 148 22.39 -11.62 -23.10
N ILE B 149 22.01 -12.22 -24.23
CA ILE B 149 21.58 -13.62 -24.21
C ILE B 149 22.37 -14.57 -25.12
N LYS B 150 23.02 -14.04 -26.15
CA LYS B 150 23.79 -14.86 -27.08
C LYS B 150 24.84 -15.62 -26.30
N GLY B 151 24.73 -16.94 -26.29
CA GLY B 151 25.66 -17.77 -25.56
C GLY B 151 25.32 -17.93 -24.09
N LYS B 152 24.17 -17.43 -23.63
CA LYS B 152 23.78 -17.57 -22.22
C LYS B 152 22.60 -18.52 -22.05
N LYS B 153 22.78 -19.55 -21.21
CA LYS B 153 21.70 -20.50 -20.95
C LYS B 153 20.52 -19.79 -20.24
N ASN B 154 20.81 -18.81 -19.37
CA ASN B 154 19.80 -18.33 -18.46
C ASN B 154 20.15 -16.99 -17.87
N ILE B 155 19.19 -16.42 -17.16
CA ILE B 155 19.27 -15.09 -16.56
C ILE B 155 20.45 -14.97 -15.59
N PHE B 156 20.67 -16.01 -14.78
CA PHE B 156 21.79 -15.99 -13.84
C PHE B 156 23.09 -15.70 -14.63
N GLU B 157 23.33 -16.45 -15.70
CA GLU B 157 24.51 -16.26 -16.56
C GLU B 157 24.57 -14.92 -17.25
N SER B 158 23.43 -14.34 -17.62
CA SER B 158 23.43 -12.97 -18.19
C SER B 158 23.88 -11.97 -17.15
N PHE B 159 23.44 -12.18 -15.90
CA PHE B 159 23.87 -11.31 -14.82
C PHE B 159 25.36 -11.48 -14.50
N VAL B 160 25.83 -12.70 -14.52
CA VAL B 160 27.26 -12.95 -14.31
C VAL B 160 28.03 -12.15 -15.39
N ASP B 161 27.60 -12.27 -16.64
CA ASP B 161 28.21 -11.58 -17.74
C ASP B 161 28.14 -10.07 -17.55
N TYR B 162 27.01 -9.62 -17.05
CA TYR B 162 26.80 -8.20 -16.89
C TYR B 162 27.81 -7.60 -15.96
N VAL B 163 28.15 -8.29 -14.87
CA VAL B 163 29.11 -7.75 -13.85
C VAL B 163 30.54 -8.28 -13.98
N ALA B 164 30.84 -8.98 -15.05
CA ALA B 164 32.17 -9.53 -15.28
C ALA B 164 33.22 -8.42 -15.53
N VAL B 165 34.45 -8.71 -15.16
CA VAL B 165 35.55 -7.78 -15.27
C VAL B 165 36.05 -7.73 -16.73
N GLU B 166 36.11 -6.53 -17.31
CA GLU B 166 36.60 -6.33 -18.67
C GLU B 166 38.02 -5.74 -18.64
N GLN B 167 38.97 -6.39 -19.31
CA GLN B 167 40.37 -5.91 -19.37
C GLN B 167 40.52 -4.68 -20.27
N LEU B 168 41.50 -3.84 -19.96
CA LEU B 168 41.77 -2.67 -20.76
C LEU B 168 43.26 -2.68 -20.97
N ASP B 169 43.72 -3.49 -21.94
CA ASP B 169 45.15 -3.69 -22.17
C ASP B 169 45.55 -3.28 -23.60
N GLY B 170 46.87 -3.23 -23.84
CA GLY B 170 47.45 -2.96 -25.17
C GLY B 170 46.90 -1.76 -25.92
N ASP B 171 45.83 -2.00 -26.70
CA ASP B 171 45.27 -1.04 -27.67
C ASP B 171 44.14 -0.15 -27.12
N ASN B 172 43.43 -0.65 -26.11
CA ASN B 172 42.48 0.15 -25.34
C ASN B 172 42.97 0.25 -23.89
N LYS B 173 44.25 0.59 -23.70
CA LYS B 173 44.79 0.87 -22.36
C LYS B 173 44.01 2.03 -21.74
N TYR B 174 43.90 2.05 -20.41
CA TYR B 174 43.12 3.08 -19.73
C TYR B 174 43.99 4.28 -19.40
N ASP B 175 43.42 5.48 -19.57
CA ASP B 175 44.13 6.72 -19.31
C ASP B 175 43.92 7.13 -17.86
N ALA B 176 44.99 6.98 -17.08
CA ALA B 176 44.94 7.11 -15.64
C ALA B 176 45.51 8.46 -15.22
N GLY B 177 45.52 9.41 -16.16
CA GLY B 177 45.77 10.79 -15.82
C GLY B 177 47.23 10.95 -15.58
N GLU B 178 47.59 11.28 -14.37
CA GLU B 178 48.98 11.52 -14.08
C GLU B 178 49.82 10.24 -14.12
N HIS B 179 49.17 9.10 -13.95
CA HIS B 179 49.79 7.79 -14.10
C HIS B 179 49.98 7.31 -15.55
N GLY B 180 49.52 8.06 -16.53
CA GLY B 180 49.71 7.68 -17.93
C GLY B 180 48.78 6.60 -18.43
N LEU B 181 49.12 5.97 -19.54
CA LEU B 181 48.26 4.91 -20.06
C LEU B 181 48.57 3.63 -19.29
N GLN B 182 47.55 2.85 -18.98
CA GLN B 182 47.73 1.72 -18.07
C GLN B 182 46.90 0.54 -18.47
N GLU B 183 47.39 -0.66 -18.14
CA GLU B 183 46.51 -1.84 -18.16
C GLU B 183 45.58 -1.75 -16.94
N ALA B 184 44.34 -2.12 -17.11
CA ALA B 184 43.40 -1.99 -16.00
C ALA B 184 42.27 -2.94 -16.19
N GLU B 185 41.49 -3.11 -15.13
CA GLU B 185 40.29 -3.93 -15.15
C GLU B 185 39.11 -3.00 -14.85
N LYS B 186 37.97 -3.21 -15.52
CA LYS B 186 36.76 -2.44 -15.26
C LYS B 186 35.56 -3.36 -15.10
N GLY B 187 34.59 -2.93 -14.32
CA GLY B 187 33.36 -3.69 -14.17
C GLY B 187 32.28 -2.87 -13.54
N VAL B 188 31.14 -3.52 -13.29
CA VAL B 188 29.94 -2.87 -12.77
C VAL B 188 29.44 -3.74 -11.60
N LYS B 189 28.84 -3.11 -10.59
CA LYS B 189 28.21 -3.82 -9.48
C LYS B 189 26.91 -3.09 -9.18
N PHE B 190 25.87 -3.79 -8.75
CA PHE B 190 24.66 -3.10 -8.27
C PHE B 190 24.86 -2.65 -6.83
N LEU B 191 24.43 -1.43 -6.56
CA LEU B 191 24.35 -0.90 -5.21
C LEU B 191 22.92 -1.06 -4.77
N THR B 192 21.98 -0.75 -5.66
CA THR B 192 20.58 -0.95 -5.39
C THR B 192 19.85 -1.46 -6.61
N LEU B 193 18.81 -2.23 -6.31
CA LEU B 193 17.88 -2.74 -7.27
C LEU B 193 16.49 -2.17 -6.90
N PRO B 194 15.72 -1.73 -7.91
CA PRO B 194 14.50 -1.00 -7.58
C PRO B 194 13.36 -1.97 -7.34
N PRO B 195 12.21 -1.46 -6.84
CA PRO B 195 11.06 -2.29 -6.59
C PRO B 195 10.53 -3.02 -7.83
N VAL B 196 10.52 -2.34 -8.97
CA VAL B 196 10.04 -2.92 -10.20
C VAL B 196 11.19 -2.90 -11.17
N LEU B 197 11.55 -4.07 -11.64
CA LEU B 197 12.79 -4.30 -12.39
C LEU B 197 12.40 -4.64 -13.80
N HIS B 198 12.80 -3.79 -14.73
CA HIS B 198 12.57 -4.02 -16.15
C HIS B 198 13.82 -4.54 -16.81
N LEU B 199 13.75 -5.74 -17.39
CA LEU B 199 14.92 -6.38 -18.06
C LEU B 199 14.63 -6.56 -19.52
N GLN B 200 15.40 -5.95 -20.41
CA GLN B 200 15.24 -6.27 -21.80
C GLN B 200 16.23 -7.33 -22.13
N LEU B 201 15.79 -8.29 -22.94
CA LEU B 201 16.63 -9.36 -23.46
C LEU B 201 17.13 -8.99 -24.87
N MET B 202 18.43 -8.99 -25.05
CA MET B 202 19.01 -8.44 -26.27
C MET B 202 18.93 -9.45 -27.39
N ARG B 203 17.71 -9.73 -27.84
CA ARG B 203 17.45 -10.72 -28.91
C ARG B 203 17.54 -10.18 -30.34
N PHE B 204 17.47 -8.86 -30.52
CA PHE B 204 17.45 -8.27 -31.86
C PHE B 204 18.72 -7.44 -32.07
N MET B 205 19.62 -7.92 -32.91
CA MET B 205 21.00 -7.34 -32.99
C MET B 205 21.36 -6.97 -34.43
N TYR B 206 22.31 -6.03 -34.57
CA TYR B 206 22.98 -5.79 -35.85
C TYR B 206 24.22 -6.68 -35.91
N ASN B 213 20.17 -6.59 -38.97
CA ASN B 213 19.12 -6.66 -37.95
C ASN B 213 18.44 -8.05 -37.87
N ILE B 214 19.06 -8.98 -37.14
CA ILE B 214 18.58 -10.38 -37.06
C ILE B 214 18.01 -10.66 -35.67
N LYS B 215 16.98 -11.49 -35.58
CA LYS B 215 16.49 -11.93 -34.28
C LYS B 215 17.23 -13.17 -33.87
N ILE B 216 17.55 -13.29 -32.59
CA ILE B 216 18.14 -14.50 -32.06
C ILE B 216 17.07 -15.29 -31.35
N ASN B 217 16.90 -16.55 -31.73
CA ASN B 217 15.84 -17.39 -31.17
C ASN B 217 16.33 -18.47 -30.24
N ASP B 218 17.58 -18.37 -29.80
CA ASP B 218 18.13 -19.35 -28.86
C ASP B 218 17.35 -19.47 -27.57
N ARG B 219 17.40 -20.67 -27.00
CA ARG B 219 16.82 -20.94 -25.72
C ARG B 219 17.50 -20.11 -24.64
N PHE B 220 16.67 -19.42 -23.87
CA PHE B 220 17.14 -18.60 -22.79
C PHE B 220 16.12 -18.70 -21.64
N GLU B 221 16.53 -19.39 -20.59
CA GLU B 221 15.63 -19.70 -19.47
C GLU B 221 15.58 -18.59 -18.45
N PHE B 222 14.37 -18.31 -17.96
CA PHE B 222 14.13 -17.38 -16.83
C PHE B 222 13.18 -18.00 -15.82
N PRO B 223 13.42 -17.74 -14.53
CA PRO B 223 12.61 -18.34 -13.47
C PRO B 223 11.47 -17.45 -12.98
N GLU B 224 10.48 -18.05 -12.33
CA GLU B 224 9.40 -17.32 -11.68
C GLU B 224 9.93 -16.54 -10.52
N GLN B 225 10.95 -17.07 -9.85
CA GLN B 225 11.56 -16.41 -8.68
C GLN B 225 13.04 -16.24 -8.93
N LEU B 226 13.53 -15.03 -8.70
CA LEU B 226 14.87 -14.63 -9.10
C LEU B 226 15.59 -14.04 -7.90
N PRO B 227 16.60 -14.75 -7.37
CA PRO B 227 17.45 -14.23 -6.28
C PRO B 227 18.63 -13.48 -6.85
N LEU B 228 18.69 -12.18 -6.58
CA LEU B 228 19.74 -11.34 -7.11
C LEU B 228 20.79 -10.91 -6.11
N ASP B 229 20.65 -11.30 -4.84
CA ASP B 229 21.64 -10.93 -3.77
C ASP B 229 23.11 -10.95 -4.20
N GLU B 230 23.50 -11.96 -4.97
CA GLU B 230 24.92 -12.12 -5.32
C GLU B 230 25.50 -11.05 -6.26
N PHE B 231 24.63 -10.23 -6.87
CA PHE B 231 25.13 -9.19 -7.79
C PHE B 231 25.20 -7.82 -7.17
N LEU B 232 24.81 -7.74 -5.89
CA LEU B 232 24.86 -6.51 -5.11
C LEU B 232 26.21 -6.34 -4.44
N GLN B 233 26.68 -5.09 -4.36
CA GLN B 233 27.92 -4.77 -3.66
C GLN B 233 27.80 -5.10 -2.17
N LYS B 234 26.74 -4.62 -1.52
CA LYS B 234 26.44 -4.92 -0.12
C LYS B 234 24.98 -5.38 0.03
N THR B 235 24.76 -6.56 0.60
CA THR B 235 23.41 -7.07 0.84
C THR B 235 22.81 -6.50 2.13
N ASP B 236 21.49 -6.61 2.27
CA ASP B 236 20.76 -6.20 3.46
C ASP B 236 20.03 -7.43 4.05
N PRO B 237 20.42 -7.87 5.26
CA PRO B 237 19.68 -8.99 5.86
C PRO B 237 18.19 -8.72 6.12
N LYS B 238 17.82 -7.44 6.26
CA LYS B 238 16.43 -7.05 6.52
C LYS B 238 15.55 -7.11 5.25
N ASP B 239 16.14 -6.87 4.07
CA ASP B 239 15.43 -6.88 2.77
C ASP B 239 16.28 -7.59 1.70
N PRO B 240 16.12 -8.92 1.54
CA PRO B 240 16.94 -9.58 0.53
C PRO B 240 16.38 -9.35 -0.90
N ALA B 241 17.26 -9.44 -1.89
CA ALA B 241 16.92 -9.05 -3.24
C ALA B 241 16.31 -10.19 -4.03
N ASN B 242 15.21 -10.72 -3.53
CA ASN B 242 14.41 -11.71 -4.25
C ASN B 242 13.33 -11.00 -5.06
N TYR B 243 13.19 -11.44 -6.32
CA TYR B 243 12.20 -10.88 -7.22
C TYR B 243 11.22 -11.95 -7.75
N ILE B 244 10.01 -11.52 -7.98
CA ILE B 244 8.90 -12.33 -8.48
C ILE B 244 8.49 -11.86 -9.88
N LEU B 245 8.35 -12.81 -10.80
CA LEU B 245 8.05 -12.49 -12.17
C LEU B 245 6.62 -12.00 -12.31
N HIS B 246 6.46 -10.82 -12.91
CA HIS B 246 5.14 -10.20 -13.09
C HIS B 246 4.65 -10.20 -14.56
N ALA B 247 5.54 -9.91 -15.51
CA ALA B 247 5.17 -9.84 -16.91
C ALA B 247 6.27 -10.41 -17.80
N VAL B 248 5.81 -11.04 -18.88
CA VAL B 248 6.64 -11.57 -19.93
C VAL B 248 6.12 -11.00 -21.28
N LEU B 249 6.91 -10.16 -21.92
CA LEU B 249 6.57 -9.60 -23.23
C LEU B 249 7.24 -10.44 -24.28
N VAL B 250 6.44 -10.91 -25.23
CA VAL B 250 6.77 -11.98 -26.12
C VAL B 250 6.56 -11.55 -27.56
N HIS B 251 7.48 -12.03 -28.40
CA HIS B 251 7.42 -11.83 -29.82
C HIS B 251 7.56 -13.19 -30.46
N SER B 252 6.76 -13.43 -31.48
CA SER B 252 6.75 -14.69 -32.17
C SER B 252 6.98 -14.43 -33.64
N GLY B 253 7.90 -15.17 -34.26
CA GLY B 253 8.10 -15.12 -35.72
C GLY B 253 9.46 -14.59 -36.11
N ASP B 254 9.52 -14.04 -37.32
CA ASP B 254 10.78 -13.75 -38.05
C ASP B 254 11.56 -12.53 -37.54
N ASN B 255 12.67 -12.18 -38.20
CA ASN B 255 13.38 -10.93 -37.89
C ASN B 255 12.41 -9.75 -38.13
N HIS B 256 12.14 -9.49 -39.42
CA HIS B 256 11.18 -8.50 -39.86
C HIS B 256 9.75 -9.05 -39.72
N GLY B 257 8.86 -8.27 -39.11
CA GLY B 257 7.45 -8.65 -38.97
C GLY B 257 7.31 -9.68 -37.87
N GLY B 258 6.23 -9.58 -37.10
CA GLY B 258 6.02 -10.45 -35.94
C GLY B 258 4.68 -10.28 -35.22
N HIS B 259 4.31 -11.31 -34.46
CA HIS B 259 3.16 -11.24 -33.56
C HIS B 259 3.57 -10.99 -32.11
N TYR B 260 2.87 -10.06 -31.44
CA TYR B 260 3.22 -9.58 -30.07
C TYR B 260 2.17 -9.87 -29.01
N VAL B 261 2.51 -10.64 -27.99
CA VAL B 261 1.62 -10.81 -26.85
C VAL B 261 2.35 -10.53 -25.53
N VAL B 262 1.58 -10.23 -24.48
CA VAL B 262 2.16 -10.14 -23.16
C VAL B 262 1.38 -11.02 -22.20
N TYR B 263 2.10 -11.79 -21.41
CA TYR B 263 1.54 -12.57 -20.34
C TYR B 263 1.82 -11.85 -19.04
N LEU B 264 0.81 -11.75 -18.18
CA LEU B 264 0.95 -11.08 -16.89
C LEU B 264 0.32 -11.93 -15.84
N ASN B 265 0.83 -11.84 -14.62
CA ASN B 265 0.00 -12.24 -13.46
C ASN B 265 -0.31 -11.03 -12.57
N PRO B 266 -1.35 -10.28 -12.95
CA PRO B 266 -1.62 -8.94 -12.49
C PRO B 266 -1.61 -8.75 -10.98
N LYS B 267 -2.17 -9.72 -10.27
CA LYS B 267 -2.34 -9.63 -8.83
C LYS B 267 -1.17 -10.29 -8.14
N GLY B 268 -0.27 -10.89 -8.91
CA GLY B 268 0.99 -11.35 -8.33
C GLY B 268 0.82 -12.66 -7.55
N ASP B 269 -0.28 -13.34 -7.82
CA ASP B 269 -0.62 -14.62 -7.19
C ASP B 269 -0.34 -15.87 -8.07
N GLY B 270 0.31 -15.70 -9.23
CA GLY B 270 0.54 -16.82 -10.14
C GLY B 270 -0.71 -17.35 -10.87
N LYS B 271 -1.83 -16.64 -10.80
CA LYS B 271 -2.94 -16.80 -11.76
C LYS B 271 -2.64 -15.92 -13.03
N TRP B 272 -2.09 -16.55 -14.06
CA TRP B 272 -1.64 -15.88 -15.30
C TRP B 272 -2.72 -15.65 -16.37
N CYS B 273 -2.54 -14.57 -17.11
CA CYS B 273 -3.38 -14.16 -18.23
C CYS B 273 -2.56 -13.73 -19.44
N LYS B 274 -3.08 -14.03 -20.63
CA LYS B 274 -2.42 -13.70 -21.90
C LYS B 274 -3.17 -12.54 -22.53
N PHE B 275 -2.46 -11.50 -22.91
CA PHE B 275 -3.08 -10.32 -23.54
C PHE B 275 -2.61 -10.21 -24.96
N ASP B 276 -3.53 -10.50 -25.87
CA ASP B 276 -3.26 -10.53 -27.31
C ASP B 276 -4.15 -9.48 -27.95
N ASP B 277 -3.77 -8.22 -27.78
CA ASP B 277 -4.55 -7.09 -28.23
C ASP B 277 -5.94 -7.16 -27.65
N ASP B 278 -6.99 -7.30 -28.48
CA ASP B 278 -8.33 -7.18 -27.92
C ASP B 278 -8.79 -8.44 -27.17
N VAL B 279 -8.07 -9.55 -27.35
CA VAL B 279 -8.39 -10.82 -26.65
C VAL B 279 -7.52 -11.03 -25.41
N VAL B 280 -8.17 -11.33 -24.30
CA VAL B 280 -7.52 -11.62 -23.03
C VAL B 280 -8.05 -12.96 -22.52
N SER B 281 -7.16 -13.90 -22.17
CA SER B 281 -7.59 -15.24 -21.68
C SER B 281 -6.72 -15.69 -20.53
N ARG B 282 -7.27 -16.51 -19.65
CA ARG B 282 -6.50 -17.16 -18.59
C ARG B 282 -5.59 -18.19 -19.26
N CYS B 283 -4.35 -18.31 -18.80
CA CYS B 283 -3.47 -19.36 -19.29
C CYS B 283 -2.72 -20.04 -18.15
N THR B 284 -2.08 -21.14 -18.49
CA THR B 284 -1.21 -21.83 -17.56
C THR B 284 0.10 -21.08 -17.28
N LYS B 285 0.74 -21.46 -16.17
CA LYS B 285 2.03 -20.93 -15.78
C LYS B 285 3.09 -21.40 -16.80
N GLU B 286 2.94 -22.61 -17.31
CA GLU B 286 3.86 -23.14 -18.30
C GLU B 286 3.80 -22.33 -19.61
N GLU B 287 2.60 -21.89 -20.00
CA GLU B 287 2.47 -21.13 -21.25
C GLU B 287 3.07 -19.76 -21.09
N ALA B 288 2.96 -19.19 -19.89
CA ALA B 288 3.47 -17.87 -19.65
C ALA B 288 4.99 -17.88 -19.51
N ILE B 289 5.56 -18.96 -18.97
CA ILE B 289 6.99 -19.00 -18.66
C ILE B 289 7.78 -19.93 -19.56
N GLU B 290 7.70 -21.24 -19.33
CA GLU B 290 8.60 -22.15 -20.05
C GLU B 290 8.39 -22.09 -21.56
N HIS B 291 7.13 -21.96 -21.99
CA HIS B 291 6.84 -21.97 -23.43
C HIS B 291 7.48 -20.74 -24.14
N ASN B 292 8.01 -19.76 -23.41
CA ASN B 292 8.72 -18.60 -24.02
C ASN B 292 10.23 -18.58 -23.84
N TYR B 293 10.78 -19.75 -23.53
CA TYR B 293 12.21 -19.90 -23.40
C TYR B 293 12.94 -19.87 -24.77
N GLY B 294 12.23 -20.24 -25.83
CA GLY B 294 12.78 -20.27 -27.18
C GLY B 294 13.48 -21.59 -27.37
N GLY B 295 14.24 -21.74 -28.47
CA GLY B 295 15.20 -22.84 -28.60
C GLY B 295 15.02 -23.74 -29.80
N HIS B 304 7.35 -22.53 -30.49
CA HIS B 304 7.89 -22.44 -31.84
C HIS B 304 9.16 -21.51 -31.89
N CYS B 305 9.18 -20.45 -32.71
CA CYS B 305 10.19 -19.35 -32.58
C CYS B 305 9.58 -18.20 -31.76
N THR B 306 8.87 -18.60 -30.69
CA THR B 306 8.17 -17.73 -29.78
C THR B 306 9.02 -17.58 -28.53
N ASN B 307 9.20 -16.35 -28.06
CA ASN B 307 10.07 -16.12 -26.93
C ASN B 307 10.03 -14.69 -26.38
N ALA B 308 10.47 -14.58 -25.13
CA ALA B 308 10.50 -13.33 -24.40
C ALA B 308 11.57 -12.39 -24.88
N TYR B 309 11.23 -11.10 -24.97
CA TYR B 309 12.23 -10.05 -25.19
C TYR B 309 12.31 -9.08 -24.03
N MET B 310 11.37 -9.11 -23.10
CA MET B 310 11.43 -8.25 -21.92
C MET B 310 10.70 -8.90 -20.76
N LEU B 311 11.20 -8.65 -19.56
CA LEU B 311 10.63 -9.26 -18.38
C LEU B 311 10.46 -8.21 -17.33
N VAL B 312 9.41 -8.33 -16.55
CA VAL B 312 9.21 -7.43 -15.42
C VAL B 312 9.15 -8.27 -14.15
N TYR B 313 10.05 -7.96 -13.22
CA TYR B 313 10.04 -8.60 -11.96
C TYR B 313 9.75 -7.56 -10.89
N ILE B 314 9.21 -8.02 -9.77
CA ILE B 314 8.91 -7.15 -8.64
C ILE B 314 9.57 -7.69 -7.39
N ARG B 315 10.25 -6.81 -6.66
CA ARG B 315 10.87 -7.15 -5.39
C ARG B 315 9.83 -7.64 -4.44
N GLU B 316 10.05 -8.82 -3.87
CA GLU B 316 9.03 -9.54 -3.10
C GLU B 316 8.52 -8.73 -1.88
N SER B 317 9.43 -7.99 -1.24
CA SER B 317 9.09 -7.20 -0.07
C SER B 317 8.34 -5.92 -0.49
N LYS B 318 8.28 -5.65 -1.79
CA LYS B 318 7.57 -4.51 -2.28
C LYS B 318 6.29 -4.88 -2.98
N LEU B 319 6.01 -6.19 -3.11
CA LEU B 319 4.88 -6.63 -3.96
C LEU B 319 3.49 -6.09 -3.63
N SER B 320 3.17 -6.03 -2.36
CA SER B 320 1.85 -5.57 -1.88
C SER B 320 1.55 -4.12 -2.17
N GLU B 321 2.57 -3.28 -2.00
CA GLU B 321 2.50 -1.85 -2.27
C GLU B 321 2.48 -1.60 -3.77
N VAL B 322 3.41 -2.18 -4.50
CA VAL B 322 3.41 -2.03 -5.93
C VAL B 322 2.07 -2.49 -6.59
N LEU B 323 1.46 -3.55 -6.10
CA LEU B 323 0.24 -4.08 -6.64
C LEU B 323 -0.99 -3.79 -5.75
N GLN B 324 -0.94 -2.72 -4.97
CA GLN B 324 -2.10 -2.28 -4.17
C GLN B 324 -3.32 -2.14 -5.06
N ALA B 325 -4.39 -2.74 -4.62
CA ALA B 325 -5.71 -2.63 -5.27
C ALA B 325 -6.05 -1.20 -5.63
N VAL B 326 -6.54 -1.01 -6.85
CA VAL B 326 -7.04 0.29 -7.27
C VAL B 326 -8.53 0.15 -7.35
N THR B 327 -9.24 1.16 -6.88
CA THR B 327 -10.71 1.18 -6.94
C THR B 327 -11.11 2.33 -7.80
N ASP B 328 -12.42 2.46 -8.01
CA ASP B 328 -12.99 3.59 -8.74
C ASP B 328 -12.79 4.92 -8.00
N HIS B 329 -12.88 4.91 -6.67
CA HIS B 329 -12.67 6.13 -5.88
C HIS B 329 -11.31 6.76 -6.10
N ASP B 330 -10.34 5.99 -6.59
CA ASP B 330 -8.98 6.50 -6.78
C ASP B 330 -8.84 7.49 -7.95
N ILE B 331 -9.90 7.70 -8.73
CA ILE B 331 -9.86 8.65 -9.84
C ILE B 331 -10.61 9.92 -9.46
N PRO B 332 -9.91 11.05 -9.33
CA PRO B 332 -10.67 12.25 -8.96
C PRO B 332 -11.73 12.61 -9.98
N GLN B 333 -12.87 13.07 -9.49
CA GLN B 333 -14.06 13.30 -10.32
C GLN B 333 -13.78 14.31 -11.40
N GLN B 334 -12.96 15.32 -11.11
CA GLN B 334 -12.65 16.37 -12.09
C GLN B 334 -12.09 15.71 -13.35
N LEU B 335 -11.19 14.76 -13.16
CA LEU B 335 -10.68 14.00 -14.30
C LEU B 335 -11.73 13.06 -14.93
N VAL B 336 -12.51 12.35 -14.12
CA VAL B 336 -13.62 11.53 -14.64
C VAL B 336 -14.60 12.36 -15.49
N GLU B 337 -14.89 13.58 -15.04
CA GLU B 337 -15.78 14.46 -15.80
C GLU B 337 -15.18 14.78 -17.16
N ARG B 338 -13.88 15.09 -17.20
CA ARG B 338 -13.30 15.58 -18.45
C ARG B 338 -13.34 14.48 -19.50
N LEU B 339 -13.13 13.24 -19.06
CA LEU B 339 -13.05 12.10 -19.96
C LEU B 339 -14.44 11.70 -20.44
N GLN B 340 -15.42 11.78 -19.55
CA GLN B 340 -16.84 11.67 -19.91
C GLN B 340 -17.30 12.77 -20.93
N GLU B 341 -16.98 14.03 -20.69
CA GLU B 341 -17.28 15.08 -21.66
C GLU B 341 -16.68 14.78 -23.04
N GLU B 342 -15.52 14.13 -23.08
CA GLU B 342 -14.89 13.78 -24.37
C GLU B 342 -15.63 12.67 -25.08
N LYS B 343 -15.99 11.63 -24.36
CA LYS B 343 -16.83 10.57 -24.91
C LYS B 343 -18.11 11.18 -25.51
N ARG B 344 -18.68 12.17 -24.83
CA ARG B 344 -19.89 12.80 -25.30
C ARG B 344 -19.68 13.72 -26.49
N ILE B 345 -18.60 14.49 -26.50
CA ILE B 345 -18.31 15.30 -27.68
C ILE B 345 -18.11 14.35 -28.88
N GLU B 346 -17.29 13.31 -28.69
CA GLU B 346 -17.09 12.29 -29.73
C GLU B 346 -18.40 11.59 -30.12
N ALA B 347 -19.17 11.14 -29.14
CA ALA B 347 -20.44 10.41 -29.41
C ALA B 347 -21.41 11.16 -30.32
N GLN B 348 -21.29 12.48 -30.42
CA GLN B 348 -22.04 13.22 -31.45
C GLN B 348 -21.56 12.92 -32.90
N LYS B 349 -20.82 11.81 -33.09
CA LYS B 349 -20.53 11.21 -34.43
C LYS B 349 -19.59 12.07 -35.27
OAD 8WN C . -17.09 -0.06 29.06
CBF 8WN C . -17.28 0.87 28.26
CBG 8WN C . -18.46 1.50 28.17
CAP 8WN C . -19.63 1.34 28.82
NAY 8WN C . -20.49 2.22 28.33
NBJ 8WN C . -19.90 2.89 27.38
CAB 8WN C . -20.45 3.96 26.55
CBH 8WN C . -18.64 2.47 27.26
NAX 8WN C . -17.63 2.84 26.43
CAQ 8WN C . -16.44 2.18 26.49
NBK 8WN C . -16.27 1.22 27.43
CAW 8WN C . -14.95 0.57 27.54
CBL 8WN C . -14.03 1.46 28.40
CAV 8WN C . -12.71 0.75 28.40
CAT 8WN C . -11.64 1.44 29.18
OAG 8WN C . -13.86 2.81 27.81
CAU 8WN C . -14.58 1.67 29.82
CAS 8WN C . -13.44 2.42 30.71
NBI 8WN C . -12.13 1.70 30.58
CBA 8WN C . -11.40 1.19 31.61
OAC 8WN C . -10.35 0.59 31.34
CBB 8WN C . -11.57 1.46 32.99
CAL 8WN C . -11.56 0.47 33.99
CAO 8WN C . -11.69 0.86 35.34
CAK 8WN C . -11.64 2.79 33.40
CAN 8WN C . -11.77 3.18 34.75
CBC 8WN C . -11.78 2.20 35.72
CBE 8WN C . -11.83 2.61 37.05
CAM 8WN C . -12.84 3.47 37.48
CAI 8WN C . -12.85 3.90 38.80
CAH 8WN C . -11.84 3.51 39.70
CAJ 8WN C . -10.78 2.70 39.25
CBD 8WN C . -10.76 2.27 37.94
NAZ 8WN C . -9.75 1.46 37.53
SBM 8WN C . -8.11 2.11 37.13
OAE 8WN C . -7.86 3.47 37.73
OAF 8WN C . -7.15 1.00 37.55
CAR 8WN C . -7.90 2.30 35.35
CAA 8WN C . -7.83 3.81 35.09
C1 EDO D . -27.37 2.29 17.79
O1 EDO D . -27.88 1.36 18.76
C2 EDO D . -27.78 3.75 18.05
O2 EDO D . -26.67 4.60 17.70
OAD 8WN E . 16.66 -6.65 -28.58
CBF 8WN E . 16.94 -5.64 -27.91
CBG 8WN E . 18.17 -5.10 -27.89
CAP 8WN E . 19.34 -5.44 -28.48
NAY 8WN E . 20.25 -4.56 -28.12
NBJ 8WN E . 19.71 -3.73 -27.32
CAB 8WN E . 20.39 -2.59 -26.62
CBH 8WN E . 18.41 -4.05 -27.14
NAX 8WN E . 17.45 -3.46 -26.39
CAQ 8WN E . 16.18 -3.99 -26.40
NBK 8WN E . 15.95 -5.10 -27.18
CAW 8WN E . 14.59 -5.64 -27.26
CBL 8WN E . 13.75 -4.70 -28.20
CAV 8WN E . 12.31 -5.20 -28.08
CAT 8WN E . 11.37 -4.48 -28.98
OAG 8WN E . 13.80 -3.32 -27.81
CAU 8WN E . 14.23 -4.86 -29.66
CAS 8WN E . 13.25 -4.06 -30.64
NBI 8WN E . 11.87 -4.61 -30.40
CBA 8WN E . 11.10 -5.23 -31.35
OAC 8WN E . 9.99 -5.73 -31.09
CBB 8WN E . 11.36 -5.18 -32.72
CAL 8WN E . 11.26 -6.29 -33.53
CAO 8WN E . 11.42 -6.14 -34.92
CAK 8WN E . 11.50 -3.93 -33.29
CAN 8WN E . 11.65 -3.78 -34.65
CBC 8WN E . 11.62 -4.88 -35.48
CBE 8WN E . 11.71 -4.70 -36.86
CAM 8WN E . 12.78 -4.01 -37.44
CAI 8WN E . 12.79 -3.82 -38.83
CAH 8WN E . 11.75 -4.31 -39.65
CAJ 8WN E . 10.67 -4.98 -39.06
CBD 8WN E . 10.64 -5.15 -37.69
NAZ 8WN E . 9.61 -5.79 -37.12
SBM 8WN E . 8.06 -4.90 -36.86
OAE 8WN E . 7.97 -3.56 -37.63
OAF 8WN E . 6.94 -5.93 -37.03
CAR 8WN E . 7.73 -4.42 -35.17
CAA 8WN E . 8.01 -2.89 -35.08
#